data_3GGS
#
_entry.id   3GGS
#
_cell.length_a   71.240
_cell.length_b   130.646
_cell.length_c   149.433
_cell.angle_alpha   90.000
_cell.angle_beta   90.000
_cell.angle_gamma   90.000
#
_symmetry.space_group_name_H-M   'P 21 21 21'
#
loop_
_entity.id
_entity.type
_entity.pdbx_description
1 polymer 'Purine nucleoside phosphorylase'
2 non-polymer 5-(6-AMINO-2-FLUORO-PURIN-9-YL)-2-HYDROXYMETHYL-TETRAHYDRO-FURAN-3-OL
3 non-polymer 'SULFATE ION'
4 water water
#
_entity_poly.entity_id   1
_entity_poly.type   'polypeptide(L)'
_entity_poly.pdbx_seq_one_letter_code
;KETAAAKFERQHMDSGGGGSGHMENGYTYEDYKNTAEWLLSHTKHRPQVAIICGSGLGGLTDKLTQAQIFDYGEIPNFPR
STVPGHAGRLVFGFLNGRACVMMQGRFHMYEGYPLWKVTFPVRVFHLLGVDTLVVTNAAGGLNPKFEVGDIMLIRDHINL
PGFSGQNPLRGPNDERFGDRFPAMSDAYDRTMRQRALSTWKQMGEQRELQEGTYVMVAGPSFQTVAECRVLQKLGADAVG
MSTVPEVIVARHCGLRVFGFSLITDKVIMDYESLEKANHEEVLAAGKQAAQKLEQFVSILMASIPLPDKAS
;
_entity_poly.pdbx_strand_id   A,B,C
#
loop_
_chem_comp.id
_chem_comp.type
_chem_comp.name
_chem_comp.formula
2FD non-polymer 5-(6-AMINO-2-FLUORO-PURIN-9-YL)-2-HYDROXYMETHYL-TETRAHYDRO-FURAN-3-OL 'C10 H12 F N5 O3'
SO4 non-polymer 'SULFATE ION' 'O4 S -2'
#
# COMPACT_ATOMS: atom_id res chain seq x y z
N ASN A 25 6.37 -15.79 -3.54
CA ASN A 25 7.58 -16.60 -3.23
C ASN A 25 8.20 -17.26 -4.45
N GLY A 26 9.40 -17.83 -4.25
CA GLY A 26 10.05 -18.74 -5.19
C GLY A 26 11.04 -19.70 -4.53
N TYR A 27 10.96 -19.86 -3.21
CA TYR A 27 11.85 -20.77 -2.46
C TYR A 27 11.10 -22.00 -1.93
N THR A 28 11.56 -23.19 -2.30
CA THR A 28 11.01 -24.42 -1.73
C THR A 28 11.62 -24.64 -0.32
N TYR A 29 10.93 -25.46 0.48
CA TYR A 29 11.41 -25.80 1.80
C TYR A 29 12.83 -26.38 1.75
N GLU A 30 13.03 -27.29 0.81
CA GLU A 30 14.30 -27.94 0.59
C GLU A 30 15.41 -26.92 0.36
N ASP A 31 15.12 -25.88 -0.41
CA ASP A 31 16.11 -24.81 -0.65
C ASP A 31 16.66 -24.26 0.66
N TYR A 32 15.78 -23.83 1.56
CA TYR A 32 16.21 -23.33 2.86
C TYR A 32 17.00 -24.41 3.60
N LYS A 33 16.43 -25.61 3.65
CA LYS A 33 17.09 -26.75 4.26
C LYS A 33 18.50 -26.97 3.70
N ASN A 34 18.66 -26.87 2.37
CA ASN A 34 19.96 -27.12 1.73
C ASN A 34 20.99 -26.06 2.14
N THR A 35 20.56 -24.81 2.25
CA THR A 35 21.45 -23.74 2.67
C THR A 35 21.91 -23.91 4.11
N ALA A 36 20.96 -24.14 5.01
CA ALA A 36 21.29 -24.33 6.43
C ALA A 36 22.25 -25.48 6.62
N GLU A 37 21.99 -26.59 5.94
CA GLU A 37 22.90 -27.75 5.98
C GLU A 37 24.30 -27.38 5.48
N TRP A 38 24.36 -26.64 4.37
CA TRP A 38 25.65 -26.24 3.78
C TRP A 38 26.49 -25.46 4.78
N LEU A 39 25.88 -24.43 5.36
CA LEU A 39 26.54 -23.62 6.38
C LEU A 39 27.01 -24.48 7.55
N LEU A 40 26.09 -25.26 8.11
CA LEU A 40 26.40 -26.19 9.20
C LEU A 40 27.60 -27.11 8.92
N SER A 41 27.77 -27.55 7.68
CA SER A 41 28.88 -28.46 7.34
C SER A 41 30.17 -27.72 6.95
N HIS A 42 30.15 -26.40 6.95
CA HIS A 42 31.34 -25.60 6.62
C HIS A 42 31.79 -24.69 7.76
N THR A 43 31.06 -24.71 8.87
CA THR A 43 31.51 -24.07 10.09
C THR A 43 31.22 -25.00 11.27
N LYS A 44 32.15 -25.08 12.21
CA LYS A 44 31.92 -25.78 13.46
C LYS A 44 31.04 -24.96 14.41
N HIS A 45 30.83 -23.68 14.09
CA HIS A 45 29.98 -22.80 14.92
C HIS A 45 28.52 -23.22 14.86
N ARG A 46 27.83 -23.00 15.98
CA ARG A 46 26.43 -23.36 16.11
C ARG A 46 25.76 -22.21 16.84
N PRO A 47 25.24 -21.24 16.08
CA PRO A 47 24.71 -20.03 16.70
C PRO A 47 23.40 -20.31 17.40
N GLN A 48 23.14 -19.56 18.48
CA GLN A 48 21.83 -19.48 19.09
C GLN A 48 21.12 -18.18 18.70
N VAL A 49 21.92 -17.13 18.50
CA VAL A 49 21.44 -15.79 18.29
C VAL A 49 21.89 -15.25 16.95
N ALA A 50 20.93 -14.73 16.17
CA ALA A 50 21.21 -14.08 14.90
C ALA A 50 21.06 -12.60 15.10
N ILE A 51 21.96 -11.83 14.49
CA ILE A 51 21.90 -10.37 14.61
C ILE A 51 21.97 -9.77 13.22
N ILE A 52 20.95 -9.03 12.82
CA ILE A 52 20.98 -8.26 11.57
C ILE A 52 21.50 -6.85 11.85
N CYS A 53 22.60 -6.51 11.18
CA CYS A 53 23.23 -5.19 11.33
C CYS A 53 22.64 -4.18 10.38
N GLY A 54 22.15 -3.07 10.91
CA GLY A 54 21.62 -2.01 10.09
C GLY A 54 22.71 -1.15 9.48
N SER A 55 22.28 -0.13 8.75
CA SER A 55 23.19 0.76 8.05
C SER A 55 24.06 1.56 9.04
N GLY A 56 25.37 1.49 8.86
CA GLY A 56 26.34 2.09 9.77
C GLY A 56 26.69 1.23 10.98
N LEU A 57 26.11 0.04 11.08
CA LEU A 57 26.27 -0.78 12.27
C LEU A 57 27.05 -2.07 12.01
N GLY A 58 27.64 -2.20 10.81
CA GLY A 58 28.34 -3.42 10.42
C GLY A 58 29.57 -3.73 11.28
N GLY A 59 30.11 -2.71 11.94
CA GLY A 59 31.22 -2.86 12.88
C GLY A 59 30.94 -3.78 14.05
N LEU A 60 29.68 -4.17 14.24
CA LEU A 60 29.32 -5.19 15.21
C LEU A 60 30.07 -6.50 14.92
N THR A 61 30.29 -6.80 13.63
CA THR A 61 31.01 -8.02 13.26
C THR A 61 32.45 -8.04 13.78
N ASP A 62 33.04 -6.86 13.98
CA ASP A 62 34.38 -6.76 14.56
C ASP A 62 34.40 -7.17 16.05
N LYS A 63 33.25 -7.21 16.68
CA LYS A 63 33.17 -7.53 18.11
C LYS A 63 32.99 -9.01 18.36
N LEU A 64 32.77 -9.78 17.30
CA LEU A 64 32.77 -11.23 17.38
C LEU A 64 34.19 -11.70 17.65
N THR A 65 34.30 -12.81 18.37
CA THR A 65 35.57 -13.47 18.61
C THR A 65 35.51 -14.84 17.96
N GLN A 66 36.68 -15.39 17.64
CA GLN A 66 36.79 -16.66 16.92
C GLN A 66 35.92 -16.66 15.65
N ALA A 67 36.01 -15.58 14.88
CA ALA A 67 35.08 -15.32 13.80
C ALA A 67 35.37 -16.18 12.57
N GLN A 68 34.30 -16.56 11.88
CA GLN A 68 34.40 -17.17 10.55
C GLN A 68 33.47 -16.41 9.61
N ILE A 69 33.99 -16.00 8.46
CA ILE A 69 33.27 -15.19 7.49
C ILE A 69 32.84 -16.03 6.31
N PHE A 70 31.61 -15.79 5.84
CA PHE A 70 31.13 -16.28 4.55
C PHE A 70 30.60 -15.10 3.78
N ASP A 71 31.13 -14.86 2.58
CA ASP A 71 30.55 -13.89 1.66
C ASP A 71 29.26 -14.51 1.13
N TYR A 72 28.22 -13.69 0.92
CA TYR A 72 26.94 -14.19 0.41
C TYR A 72 27.12 -15.00 -0.88
N GLY A 73 28.03 -14.58 -1.74
CA GLY A 73 28.25 -15.26 -3.02
C GLY A 73 28.72 -16.69 -2.89
N GLU A 74 29.03 -17.08 -1.66
CA GLU A 74 29.64 -18.36 -1.35
C GLU A 74 28.59 -19.36 -0.83
N ILE A 75 27.51 -18.83 -0.24
CA ILE A 75 26.47 -19.62 0.38
C ILE A 75 25.42 -19.96 -0.67
N PRO A 76 25.13 -21.25 -0.88
CA PRO A 76 24.13 -21.61 -1.89
C PRO A 76 22.76 -20.97 -1.64
N ASN A 77 22.03 -20.70 -2.73
CA ASN A 77 20.68 -20.08 -2.70
C ASN A 77 20.60 -18.66 -2.18
N PHE A 78 21.70 -18.08 -1.72
CA PHE A 78 21.65 -16.76 -1.10
C PHE A 78 21.41 -15.73 -2.20
N PRO A 79 20.51 -14.77 -1.97
CA PRO A 79 20.27 -13.75 -3.00
C PRO A 79 21.56 -13.02 -3.40
N ARG A 80 21.76 -12.88 -4.71
CA ARG A 80 22.91 -12.16 -5.26
C ARG A 80 22.74 -10.65 -5.13
N SER A 81 23.84 -9.97 -4.85
CA SER A 81 23.84 -8.51 -4.75
C SER A 81 23.86 -7.90 -6.13
N THR A 82 22.96 -6.94 -6.34
CA THR A 82 22.90 -6.16 -7.57
C THR A 82 23.34 -4.72 -7.26
N VAL A 83 23.84 -4.52 -6.04
CA VAL A 83 24.02 -3.22 -5.41
C VAL A 83 25.50 -2.77 -5.41
N PRO A 84 25.76 -1.45 -5.38
CA PRO A 84 27.16 -0.97 -5.28
C PRO A 84 27.80 -1.34 -3.95
N GLY A 85 29.08 -1.71 -3.99
CA GLY A 85 29.80 -2.17 -2.80
C GLY A 85 29.95 -3.67 -2.82
N HIS A 86 30.61 -4.21 -1.80
CA HIS A 86 30.76 -5.66 -1.68
C HIS A 86 29.45 -6.35 -1.34
N ALA A 87 29.33 -7.61 -1.72
CA ALA A 87 28.07 -8.36 -1.61
C ALA A 87 27.46 -8.36 -0.20
N GLY A 88 28.31 -8.25 0.83
CA GLY A 88 27.82 -8.37 2.20
C GLY A 88 28.04 -9.80 2.62
N ARG A 89 27.91 -10.07 3.90
CA ARG A 89 28.45 -11.31 4.42
C ARG A 89 27.87 -11.76 5.75
N LEU A 90 28.11 -13.04 6.02
CA LEU A 90 27.57 -13.74 7.17
C LEU A 90 28.76 -14.09 8.07
N VAL A 91 28.75 -13.58 9.30
CA VAL A 91 29.86 -13.81 10.20
C VAL A 91 29.43 -14.59 11.43
N PHE A 92 29.88 -15.84 11.53
CA PHE A 92 29.69 -16.67 12.70
C PHE A 92 30.78 -16.36 13.71
N GLY A 93 30.43 -16.35 14.99
CA GLY A 93 31.42 -16.09 16.03
C GLY A 93 30.83 -16.15 17.43
N PHE A 94 31.58 -15.68 18.42
CA PHE A 94 31.06 -15.53 19.77
C PHE A 94 31.04 -14.06 20.14
N LEU A 95 29.94 -13.60 20.74
CA LEU A 95 29.78 -12.21 21.13
C LEU A 95 29.54 -12.17 22.62
N ASN A 96 30.55 -11.75 23.38
CA ASN A 96 30.54 -11.87 24.83
C ASN A 96 30.27 -13.30 25.30
N GLY A 97 30.68 -14.28 24.48
CA GLY A 97 30.53 -15.69 24.81
C GLY A 97 29.43 -16.43 24.08
N ARG A 98 28.48 -15.68 23.51
CA ARG A 98 27.31 -16.26 22.82
C ARG A 98 27.63 -16.73 21.44
N ALA A 99 27.18 -17.92 21.11
CA ALA A 99 27.24 -18.39 19.74
C ALA A 99 26.29 -17.53 18.88
N CYS A 100 26.85 -16.70 17.99
CA CYS A 100 26.09 -15.79 17.12
C CYS A 100 26.42 -15.98 15.67
N VAL A 101 25.40 -15.77 14.82
CA VAL A 101 25.60 -15.54 13.40
C VAL A 101 25.16 -14.12 13.15
N MET A 102 25.91 -13.39 12.35
CA MET A 102 25.74 -11.96 12.21
C MET A 102 25.62 -11.66 10.73
N MET A 103 24.69 -10.77 10.40
CA MET A 103 24.42 -10.41 9.02
C MET A 103 24.89 -8.97 8.76
N GLN A 104 25.89 -8.81 7.91
CA GLN A 104 26.38 -7.48 7.54
C GLN A 104 25.96 -7.13 6.10
N GLY A 105 25.03 -6.19 5.98
CA GLY A 105 24.45 -5.83 4.69
C GLY A 105 23.17 -6.58 4.42
N ARG A 106 22.05 -5.98 4.80
CA ARG A 106 20.73 -6.55 4.57
C ARG A 106 20.23 -6.17 3.18
N PHE A 107 19.28 -6.94 2.67
CA PHE A 107 18.60 -6.62 1.41
C PHE A 107 17.42 -5.70 1.74
N HIS A 108 17.18 -4.70 0.89
CA HIS A 108 16.07 -3.76 1.10
C HIS A 108 15.07 -3.84 -0.05
N MET A 109 13.82 -3.50 0.27
CA MET A 109 12.74 -3.51 -0.68
C MET A 109 13.02 -2.47 -1.77
N TYR A 110 13.41 -1.26 -1.34
CA TYR A 110 13.70 -0.16 -2.27
C TYR A 110 14.75 -0.46 -3.32
N GLU A 111 15.60 -1.46 -3.08
CA GLU A 111 16.60 -1.87 -4.06
C GLU A 111 16.01 -2.83 -5.09
N GLY A 112 14.72 -3.15 -4.97
CA GLY A 112 14.05 -4.02 -5.92
C GLY A 112 14.06 -5.51 -5.60
N TYR A 113 14.35 -5.86 -4.35
CA TYR A 113 14.30 -7.24 -3.87
C TYR A 113 12.90 -7.56 -3.38
N PRO A 114 12.32 -8.69 -3.83
CA PRO A 114 11.07 -9.12 -3.21
C PRO A 114 11.27 -9.50 -1.74
N LEU A 115 10.28 -9.18 -0.89
CA LEU A 115 10.34 -9.58 0.52
C LEU A 115 10.71 -11.06 0.71
N TRP A 116 10.32 -11.95 -0.19
CA TRP A 116 10.69 -13.35 0.02
C TRP A 116 12.21 -13.57 -0.09
N LYS A 117 12.88 -12.69 -0.84
CA LYS A 117 14.33 -12.68 -0.89
C LYS A 117 14.94 -11.97 0.31
N VAL A 118 14.40 -10.80 0.66
CA VAL A 118 14.86 -10.08 1.84
C VAL A 118 14.93 -11.02 3.03
N THR A 119 13.88 -11.80 3.28
CA THR A 119 13.70 -12.52 4.55
C THR A 119 14.25 -13.91 4.59
N PHE A 120 14.71 -14.39 3.44
CA PHE A 120 15.27 -15.73 3.30
C PHE A 120 16.27 -16.07 4.43
N PRO A 121 17.21 -15.17 4.73
CA PRO A 121 18.17 -15.48 5.80
C PRO A 121 17.53 -15.82 7.17
N VAL A 122 16.42 -15.17 7.52
CA VAL A 122 15.77 -15.43 8.80
C VAL A 122 15.32 -16.90 8.90
N ARG A 123 14.72 -17.42 7.85
CA ARG A 123 14.36 -18.84 7.83
C ARG A 123 15.57 -19.77 7.90
N VAL A 124 16.67 -19.38 7.28
CA VAL A 124 17.88 -20.19 7.32
C VAL A 124 18.44 -20.23 8.73
N PHE A 125 18.40 -19.09 9.41
CA PHE A 125 18.84 -19.02 10.79
C PHE A 125 18.07 -20.01 11.64
N HIS A 126 16.74 -20.01 11.48
CA HIS A 126 15.91 -20.94 12.20
C HIS A 126 16.38 -22.36 11.97
N LEU A 127 16.54 -22.75 10.71
CA LEU A 127 17.03 -24.11 10.40
C LEU A 127 18.45 -24.33 10.88
N LEU A 128 19.23 -23.26 10.96
CA LEU A 128 20.54 -23.34 11.61
C LEU A 128 20.43 -23.74 13.09
N GLY A 129 19.30 -23.47 13.73
CA GLY A 129 19.13 -23.76 15.15
C GLY A 129 19.05 -22.50 16.02
N VAL A 130 19.02 -21.33 15.39
CA VAL A 130 18.89 -20.06 16.10
C VAL A 130 17.50 -19.98 16.74
N ASP A 131 17.44 -19.50 17.98
CA ASP A 131 16.16 -19.26 18.64
C ASP A 131 15.87 -17.79 18.94
N THR A 132 16.84 -16.90 18.68
CA THR A 132 16.69 -15.47 18.99
C THR A 132 17.22 -14.61 17.83
N LEU A 133 16.45 -13.58 17.45
CA LEU A 133 16.88 -12.63 16.42
C LEU A 133 16.95 -11.24 17.02
N VAL A 134 18.10 -10.58 16.94
CA VAL A 134 18.15 -9.17 17.29
C VAL A 134 18.26 -8.39 15.98
N VAL A 135 17.49 -7.32 15.87
CA VAL A 135 17.44 -6.49 14.67
C VAL A 135 17.89 -5.09 15.04
N THR A 136 18.81 -4.55 14.25
CA THR A 136 19.24 -3.16 14.39
C THR A 136 18.97 -2.44 13.10
N ASN A 137 18.67 -1.14 13.21
CA ASN A 137 18.51 -0.30 12.03
C ASN A 137 18.77 1.14 12.37
N ALA A 138 18.94 1.96 11.34
CA ALA A 138 19.00 3.41 11.47
C ALA A 138 17.61 3.95 11.13
N ALA A 139 17.22 5.04 11.77
CA ALA A 139 15.88 5.58 11.57
C ALA A 139 15.80 7.08 11.76
N GLY A 140 14.85 7.69 11.05
CA GLY A 140 14.49 9.07 11.29
C GLY A 140 13.57 9.12 12.48
N GLY A 141 13.79 10.10 13.36
CA GLY A 141 12.95 10.26 14.52
C GLY A 141 11.69 11.03 14.14
N LEU A 142 10.53 10.48 14.48
CA LEU A 142 9.26 11.20 14.37
C LEU A 142 8.85 11.88 15.73
N ASN A 143 9.42 11.41 16.84
CA ASN A 143 8.99 11.85 18.16
C ASN A 143 9.74 13.10 18.64
N PRO A 144 9.06 14.25 18.72
CA PRO A 144 9.71 15.46 19.26
C PRO A 144 10.82 15.21 20.28
N LYS A 145 10.53 14.37 21.27
CA LYS A 145 11.47 14.00 22.32
C LYS A 145 12.80 13.40 21.83
N PHE A 146 12.76 12.63 20.74
CA PHE A 146 13.95 11.92 20.26
C PHE A 146 14.98 12.90 19.68
N GLU A 147 16.24 12.66 20.00
CA GLU A 147 17.34 13.40 19.41
C GLU A 147 18.33 12.51 18.66
N VAL A 148 19.09 13.13 17.76
CA VAL A 148 20.08 12.43 16.95
C VAL A 148 21.06 11.75 17.89
N GLY A 149 21.33 10.47 17.65
CA GLY A 149 22.19 9.68 18.53
C GLY A 149 21.47 8.76 19.50
N ASP A 150 20.23 9.09 19.86
CA ASP A 150 19.42 8.22 20.71
C ASP A 150 19.30 6.81 20.12
N ILE A 151 19.15 5.86 21.02
CA ILE A 151 18.80 4.50 20.68
C ILE A 151 17.35 4.27 21.12
N MET A 152 16.52 3.75 20.22
CA MET A 152 15.15 3.40 20.55
C MET A 152 15.00 1.89 20.66
N LEU A 153 14.53 1.43 21.82
CA LEU A 153 14.10 0.04 21.99
C LEU A 153 12.78 -0.13 21.21
N ILE A 154 12.78 -1.02 20.20
CA ILE A 154 11.56 -1.27 19.42
C ILE A 154 10.51 -2.04 20.25
N ARG A 155 9.42 -1.36 20.57
CA ARG A 155 8.32 -1.90 21.34
C ARG A 155 7.29 -2.60 20.42
N ASP A 156 7.14 -2.07 19.22
CA ASP A 156 6.08 -2.47 18.30
C ASP A 156 6.34 -1.83 16.94
N HIS A 157 5.70 -2.34 15.89
CA HIS A 157 5.85 -1.75 14.56
C HIS A 157 4.51 -1.50 13.82
N ILE A 158 4.59 -0.70 12.74
CA ILE A 158 3.46 -0.48 11.83
C ILE A 158 3.97 -0.83 10.43
N ASN A 159 3.37 -1.81 9.76
CA ASN A 159 3.89 -2.41 8.48
C ASN A 159 3.05 -1.96 7.31
N LEU A 160 3.36 -0.77 6.78
CA LEU A 160 2.58 -0.19 5.68
C LEU A 160 2.67 -1.09 4.41
N PRO A 161 3.88 -1.44 3.96
CA PRO A 161 3.81 -2.39 2.80
C PRO A 161 2.89 -3.58 3.10
N GLY A 162 2.85 -4.01 4.37
CA GLY A 162 2.02 -5.13 4.82
C GLY A 162 0.54 -4.97 4.57
N PHE A 163 -0.02 -3.85 5.04
CA PHE A 163 -1.42 -3.53 4.86
C PHE A 163 -1.90 -3.72 3.41
N SER A 164 -1.04 -3.35 2.48
CA SER A 164 -1.42 -3.25 1.08
C SER A 164 -1.06 -4.46 0.23
N GLY A 165 -0.50 -5.50 0.84
CA GLY A 165 -0.19 -6.75 0.12
C GLY A 165 1.26 -7.20 0.17
N GLN A 166 2.12 -6.28 0.62
CA GLN A 166 3.55 -6.51 0.67
C GLN A 166 3.88 -7.03 2.04
N ASN A 167 3.81 -8.35 2.15
CA ASN A 167 4.05 -9.07 3.40
C ASN A 167 4.73 -10.36 2.97
N PRO A 168 5.88 -10.70 3.57
CA PRO A 168 6.71 -11.85 3.14
C PRO A 168 6.07 -13.21 3.26
N LEU A 169 5.00 -13.31 4.05
CA LEU A 169 4.24 -14.55 4.21
C LEU A 169 3.22 -14.84 3.08
N ARG A 170 3.15 -13.97 2.08
CA ARG A 170 2.14 -14.06 1.02
C ARG A 170 2.36 -15.32 0.21
N GLY A 171 1.27 -16.01 -0.13
CA GLY A 171 1.37 -17.28 -0.80
C GLY A 171 1.07 -18.41 0.16
N PRO A 172 1.20 -19.66 -0.33
CA PRO A 172 0.87 -20.82 0.49
C PRO A 172 1.74 -20.87 1.72
N ASN A 173 1.15 -21.18 2.88
CA ASN A 173 1.87 -21.27 4.13
C ASN A 173 2.52 -22.62 4.25
N ASP A 174 3.67 -22.67 4.90
CA ASP A 174 4.35 -23.94 5.15
C ASP A 174 4.32 -24.20 6.65
N GLU A 175 3.54 -25.20 7.05
CA GLU A 175 3.35 -25.52 8.46
C GLU A 175 4.64 -26.00 9.13
N ARG A 176 5.65 -26.37 8.35
CA ARG A 176 6.97 -26.65 8.89
C ARG A 176 7.65 -25.41 9.47
N PHE A 177 7.25 -24.22 9.04
CA PHE A 177 7.73 -22.98 9.66
C PHE A 177 6.75 -22.43 10.70
N GLY A 178 5.46 -22.39 10.36
CA GLY A 178 4.47 -21.83 11.27
C GLY A 178 3.05 -21.86 10.76
N ASP A 179 2.22 -21.02 11.37
CA ASP A 179 0.79 -21.00 11.09
C ASP A 179 0.43 -20.11 9.89
N ARG A 180 -0.80 -20.30 9.38
CA ARG A 180 -1.38 -19.39 8.38
C ARG A 180 -1.41 -17.95 8.85
N PHE A 181 -2.05 -17.73 10.00
CA PHE A 181 -2.32 -16.38 10.50
C PHE A 181 -1.59 -16.16 11.83
N PRO A 182 -0.27 -15.93 11.78
CA PRO A 182 0.50 -15.73 13.00
C PRO A 182 0.25 -14.37 13.62
N ALA A 183 0.16 -14.32 14.95
CA ALA A 183 0.01 -13.07 15.70
C ALA A 183 1.30 -12.24 15.66
N MET A 184 1.17 -10.92 15.64
CA MET A 184 2.34 -10.04 15.79
C MET A 184 2.19 -9.08 16.97
N SER A 185 1.10 -9.21 17.72
CA SER A 185 0.86 -8.29 18.84
C SER A 185 1.95 -8.39 19.90
N ASP A 186 2.73 -9.47 19.86
CA ASP A 186 3.75 -9.76 20.88
C ASP A 186 5.13 -9.98 20.26
N ALA A 187 5.39 -9.33 19.12
CA ALA A 187 6.60 -9.62 18.33
C ALA A 187 7.89 -9.21 19.04
N TYR A 188 7.81 -8.20 19.92
CA TYR A 188 9.00 -7.72 20.60
C TYR A 188 8.98 -8.20 22.04
N ASP A 189 9.67 -9.33 22.25
CA ASP A 189 9.74 -10.03 23.55
C ASP A 189 9.62 -9.11 24.78
N ARG A 190 8.62 -9.37 25.61
CA ARG A 190 8.46 -8.59 26.82
C ARG A 190 9.71 -8.66 27.68
N THR A 191 10.29 -9.86 27.80
CA THR A 191 11.37 -10.11 28.77
C THR A 191 12.65 -9.37 28.38
N MET A 192 13.01 -9.39 27.10
CA MET A 192 14.23 -8.73 26.66
C MET A 192 14.13 -7.20 26.72
N ARG A 193 12.92 -6.68 26.53
CA ARG A 193 12.71 -5.25 26.65
C ARG A 193 12.86 -4.79 28.10
N GLN A 194 12.36 -5.58 29.04
CA GLN A 194 12.49 -5.26 30.47
C GLN A 194 13.95 -5.31 30.91
N ARG A 195 14.71 -6.22 30.30
CA ARG A 195 16.12 -6.43 30.64
C ARG A 195 17.03 -5.42 29.98
N ALA A 196 16.72 -5.05 28.74
CA ALA A 196 17.45 -3.96 28.09
C ALA A 196 17.33 -2.71 28.96
N LEU A 197 16.10 -2.34 29.30
CA LEU A 197 15.86 -1.16 30.14
C LEU A 197 16.62 -1.24 31.45
N SER A 198 16.80 -2.44 31.97
CA SER A 198 17.50 -2.64 33.23
C SER A 198 19.01 -2.52 33.08
N THR A 199 19.56 -3.25 32.11
CA THR A 199 20.99 -3.18 31.77
C THR A 199 21.42 -1.77 31.39
N TRP A 200 20.53 -1.01 30.77
CA TRP A 200 20.85 0.36 30.39
C TRP A 200 21.12 1.26 31.61
N LYS A 201 20.41 1.00 32.71
CA LYS A 201 20.57 1.81 33.92
C LYS A 201 21.96 1.71 34.56
N GLN A 202 22.60 0.54 34.45
CA GLN A 202 23.98 0.37 34.95
C GLN A 202 25.01 1.03 34.05
N MET A 203 24.69 1.18 32.76
CA MET A 203 25.61 1.75 31.78
C MET A 203 26.08 3.17 32.13
N GLY A 204 25.22 3.92 32.83
CA GLY A 204 25.53 5.29 33.26
C GLY A 204 25.62 6.30 32.12
N GLU A 205 24.73 6.17 31.13
CA GLU A 205 24.75 7.04 29.95
C GLU A 205 24.01 8.34 30.23
N GLN A 206 24.27 9.36 29.42
CA GLN A 206 23.68 10.69 29.64
C GLN A 206 22.19 10.72 29.30
N ARG A 207 21.79 9.95 28.28
CA ARG A 207 20.39 9.94 27.83
C ARG A 207 19.73 8.60 28.09
N GLU A 208 18.47 8.65 28.50
CA GLU A 208 17.71 7.45 28.80
C GLU A 208 17.46 6.67 27.51
N LEU A 209 17.23 5.36 27.62
CA LEU A 209 16.99 4.48 26.47
C LEU A 209 15.56 4.65 26.00
N GLN A 210 15.38 5.23 24.81
CA GLN A 210 14.06 5.48 24.29
C GLN A 210 13.39 4.17 23.85
N GLU A 211 12.07 4.21 23.71
CA GLU A 211 11.25 3.06 23.39
C GLU A 211 10.03 3.55 22.62
N GLY A 212 9.64 2.85 21.56
CA GLY A 212 8.51 3.31 20.74
C GLY A 212 8.30 2.47 19.51
N THR A 213 7.48 2.96 18.58
CA THR A 213 7.10 2.20 17.41
C THR A 213 7.90 2.54 16.16
N TYR A 214 8.41 1.51 15.51
CA TYR A 214 9.04 1.67 14.20
C TYR A 214 7.97 1.59 13.13
N VAL A 215 7.88 2.59 12.26
CA VAL A 215 7.04 2.53 11.07
C VAL A 215 7.91 2.24 9.85
N MET A 216 7.53 1.24 9.06
CA MET A 216 8.29 0.89 7.83
C MET A 216 7.61 1.45 6.59
N VAL A 217 8.30 2.36 5.90
CA VAL A 217 7.86 2.86 4.60
C VAL A 217 8.76 2.19 3.56
N ALA A 218 8.28 1.99 2.34
CA ALA A 218 9.12 1.27 1.35
C ALA A 218 10.33 2.10 0.88
N GLY A 219 10.26 3.42 1.00
CA GLY A 219 11.25 4.32 0.39
C GLY A 219 11.39 4.06 -1.11
N PRO A 220 12.48 4.54 -1.73
CA PRO A 220 13.69 5.13 -1.16
C PRO A 220 13.66 6.63 -0.97
N SER A 221 12.74 7.31 -1.64
CA SER A 221 12.53 8.74 -1.44
C SER A 221 12.27 9.00 0.04
N PHE A 222 12.58 10.18 0.51
CA PHE A 222 12.27 10.57 1.91
C PHE A 222 10.94 11.31 2.03
N GLN A 223 10.44 11.39 3.26
CA GLN A 223 9.15 11.99 3.57
C GLN A 223 9.05 13.47 3.18
N THR A 224 7.84 13.89 2.83
CA THR A 224 7.47 15.29 2.78
C THR A 224 6.96 15.64 4.17
N VAL A 225 6.85 16.94 4.49
CA VAL A 225 6.30 17.33 5.78
C VAL A 225 4.93 16.69 5.95
N ALA A 226 4.03 16.98 5.02
CA ALA A 226 2.69 16.36 5.01
C ALA A 226 2.73 14.87 5.36
N GLU A 227 3.63 14.10 4.72
CA GLU A 227 3.77 12.67 4.98
C GLU A 227 4.34 12.40 6.37
N CYS A 228 5.37 13.14 6.74
CA CYS A 228 5.86 13.05 8.12
C CYS A 228 4.71 13.27 9.11
N ARG A 229 3.77 14.15 8.80
CA ARG A 229 2.63 14.38 9.71
C ARG A 229 1.65 13.18 9.79
N VAL A 230 1.54 12.38 8.73
CA VAL A 230 0.65 11.22 8.80
C VAL A 230 1.33 10.20 9.71
N LEU A 231 2.53 9.76 9.30
CA LEU A 231 3.36 8.88 10.14
C LEU A 231 3.23 9.30 11.65
N GLN A 232 3.36 10.58 11.97
CA GLN A 232 3.15 11.01 13.39
C GLN A 232 1.75 10.65 13.88
N LYS A 233 0.72 11.08 13.15
CA LYS A 233 -0.69 10.80 13.51
C LYS A 233 -0.99 9.30 13.69
N LEU A 234 -0.36 8.46 12.87
CA LEU A 234 -0.44 7.00 13.04
C LEU A 234 0.30 6.47 14.29
N GLY A 235 0.75 7.35 15.19
CA GLY A 235 1.42 6.91 16.40
C GLY A 235 2.88 6.44 16.30
N ALA A 236 3.44 6.34 15.09
CA ALA A 236 4.83 5.92 14.90
C ALA A 236 5.85 6.87 15.53
N ASP A 237 6.80 6.31 16.26
CA ASP A 237 7.83 7.11 16.92
C ASP A 237 9.11 7.32 16.11
N ALA A 238 9.33 6.43 15.13
CA ALA A 238 10.52 6.47 14.28
C ALA A 238 10.31 5.71 12.93
N VAL A 239 10.82 6.27 11.84
CA VAL A 239 10.57 5.74 10.52
C VAL A 239 11.86 5.19 9.95
N GLY A 240 11.73 4.15 9.13
CA GLY A 240 12.83 3.58 8.34
C GLY A 240 12.28 2.62 7.29
N MET A 241 13.15 1.97 6.51
CA MET A 241 12.71 1.20 5.33
C MET A 241 13.06 -0.28 5.37
N SER A 242 13.11 -0.84 6.58
CA SER A 242 13.58 -2.22 6.74
C SER A 242 12.99 -2.91 7.98
N THR A 243 13.53 -4.10 8.32
CA THR A 243 13.34 -4.74 9.63
C THR A 243 12.04 -5.54 9.75
N VAL A 244 10.89 -4.85 9.62
CA VAL A 244 9.57 -5.50 9.80
C VAL A 244 9.47 -6.85 9.02
N PRO A 245 9.81 -6.84 7.73
CA PRO A 245 9.76 -8.12 6.99
C PRO A 245 10.44 -9.28 7.74
N GLU A 246 11.69 -9.06 8.17
CA GLU A 246 12.44 -10.02 8.99
C GLU A 246 11.77 -10.41 10.30
N VAL A 247 11.28 -9.41 11.06
CA VAL A 247 10.64 -9.67 12.34
C VAL A 247 9.46 -10.58 12.10
N ILE A 248 8.62 -10.19 11.14
CA ILE A 248 7.43 -10.98 10.84
C ILE A 248 7.76 -12.45 10.57
N VAL A 249 8.77 -12.74 9.74
CA VAL A 249 9.03 -14.16 9.43
C VAL A 249 9.73 -14.86 10.62
N ALA A 250 10.49 -14.10 11.40
CA ALA A 250 11.04 -14.62 12.66
C ALA A 250 9.92 -15.12 13.58
N ARG A 251 8.93 -14.29 13.81
CA ARG A 251 7.81 -14.69 14.66
C ARG A 251 7.01 -15.87 14.05
N HIS A 252 6.82 -15.87 12.75
CA HIS A 252 6.21 -17.02 12.07
C HIS A 252 6.92 -18.32 12.43
N CYS A 253 8.26 -18.25 12.49
CA CYS A 253 9.12 -19.39 12.88
C CYS A 253 9.22 -19.66 14.36
N GLY A 254 8.75 -18.72 15.18
CA GLY A 254 8.79 -18.86 16.62
C GLY A 254 10.10 -18.42 17.23
N LEU A 255 10.86 -17.59 16.53
CA LEU A 255 12.08 -17.03 17.08
C LEU A 255 11.75 -15.91 18.06
N ARG A 256 12.57 -15.76 19.09
CA ARG A 256 12.46 -14.64 20.01
C ARG A 256 13.08 -13.43 19.31
N VAL A 257 12.43 -12.29 19.43
CA VAL A 257 12.87 -11.09 18.73
C VAL A 257 12.97 -9.90 19.66
N PHE A 258 14.03 -9.13 19.52
CA PHE A 258 14.07 -7.77 20.06
C PHE A 258 15.00 -6.94 19.20
N GLY A 259 14.97 -5.62 19.36
CA GLY A 259 15.76 -4.80 18.46
C GLY A 259 15.77 -3.34 18.80
N PHE A 260 16.60 -2.59 18.06
CA PHE A 260 16.84 -1.18 18.34
C PHE A 260 16.95 -0.38 17.06
N SER A 261 16.48 0.86 17.11
CA SER A 261 16.66 1.78 16.03
C SER A 261 17.61 2.84 16.52
N LEU A 262 18.60 3.16 15.69
CA LEU A 262 19.48 4.30 15.94
C LEU A 262 18.91 5.52 15.25
N ILE A 263 18.58 6.56 16.01
CA ILE A 263 18.01 7.76 15.45
C ILE A 263 19.11 8.63 14.82
N THR A 264 19.21 8.60 13.50
CA THR A 264 20.27 9.29 12.76
C THR A 264 19.94 10.73 12.35
N ASP A 265 18.66 11.08 12.26
CA ASP A 265 18.22 12.50 12.20
C ASP A 265 16.77 12.69 12.63
N LYS A 266 16.44 13.90 13.07
CA LYS A 266 15.04 14.28 13.34
C LYS A 266 14.38 14.71 12.04
N VAL A 267 13.32 14.02 11.63
CA VAL A 267 12.57 14.39 10.43
C VAL A 267 11.84 15.72 10.67
N ILE A 268 11.75 16.55 9.64
CA ILE A 268 11.14 17.89 9.79
C ILE A 268 9.63 17.77 9.72
N MET A 269 8.96 18.14 10.79
CA MET A 269 7.52 17.91 10.92
C MET A 269 6.68 19.16 10.69
N ASP A 270 7.24 20.19 10.07
CA ASP A 270 6.46 21.35 9.62
C ASP A 270 7.23 22.22 8.62
N TYR A 271 6.52 23.18 8.04
CA TYR A 271 7.09 24.06 7.01
C TYR A 271 7.90 25.18 7.62
N GLU A 272 7.48 25.68 8.78
CA GLU A 272 8.26 26.70 9.51
C GLU A 272 9.70 26.22 9.69
N SER A 273 9.84 25.02 10.23
CA SER A 273 11.15 24.41 10.47
C SER A 273 11.86 23.95 9.19
N LEU A 274 11.08 23.75 8.11
CA LEU A 274 11.67 23.41 6.81
C LEU A 274 12.56 24.55 6.31
N GLU A 275 12.05 25.79 6.36
CA GLU A 275 12.83 26.99 6.00
C GLU A 275 14.05 27.22 6.90
N LYS A 276 13.93 26.83 8.17
CA LYS A 276 15.02 27.01 9.15
C LYS A 276 16.20 26.04 9.02
N ALA A 277 16.11 25.07 8.10
CA ALA A 277 17.23 24.18 7.79
C ALA A 277 18.45 25.01 7.36
N ASN A 278 19.62 24.72 7.93
CA ASN A 278 20.81 25.53 7.68
C ASN A 278 22.08 24.72 7.42
N HIS A 279 22.80 24.33 8.47
CA HIS A 279 24.10 23.66 8.35
C HIS A 279 23.92 22.15 8.25
N GLU A 280 23.14 21.71 7.27
CA GLU A 280 22.56 20.37 7.33
C GLU A 280 22.85 19.40 6.18
N GLU A 281 23.02 18.14 6.60
CA GLU A 281 23.02 16.98 5.72
C GLU A 281 22.61 15.78 6.60
N VAL A 282 21.55 15.07 6.22
CA VAL A 282 21.14 13.86 6.95
C VAL A 282 22.27 12.84 6.87
N LEU A 283 23.20 12.91 7.83
CA LEU A 283 24.38 12.08 7.78
C LEU A 283 24.03 10.67 8.28
N ALA A 284 24.96 9.76 8.07
CA ALA A 284 24.85 8.43 8.60
C ALA A 284 25.11 8.50 10.11
N ALA A 285 24.77 7.41 10.78
CA ALA A 285 24.94 7.30 12.22
C ALA A 285 26.32 7.79 12.59
N GLY A 286 26.35 8.84 13.41
CA GLY A 286 27.57 9.28 14.03
C GLY A 286 28.32 8.06 14.52
N LYS A 287 29.59 7.98 14.15
CA LYS A 287 30.40 6.78 14.41
C LYS A 287 30.45 6.41 15.90
N GLN A 288 30.40 7.42 16.77
CA GLN A 288 30.33 7.21 18.22
C GLN A 288 28.95 6.72 18.68
N ALA A 289 27.89 7.22 18.06
CA ALA A 289 26.53 6.76 18.34
C ALA A 289 26.36 5.31 17.92
N ALA A 290 26.86 4.97 16.73
CA ALA A 290 26.83 3.59 16.24
C ALA A 290 27.58 2.67 17.19
N GLN A 291 28.71 3.15 17.69
CA GLN A 291 29.57 2.33 18.53
C GLN A 291 28.94 2.09 19.91
N LYS A 292 28.22 3.08 20.43
CA LYS A 292 27.44 2.91 21.66
C LYS A 292 26.41 1.78 21.49
N LEU A 293 25.66 1.81 20.40
CA LEU A 293 24.64 0.81 20.16
C LEU A 293 25.28 -0.57 20.03
N GLU A 294 26.37 -0.63 19.26
CA GLU A 294 27.07 -1.89 18.99
C GLU A 294 27.53 -2.56 20.27
N GLN A 295 28.00 -1.76 21.22
CA GLN A 295 28.50 -2.29 22.47
C GLN A 295 27.38 -2.61 23.45
N PHE A 296 26.23 -1.94 23.31
CA PHE A 296 25.04 -2.27 24.12
C PHE A 296 24.45 -3.61 23.70
N VAL A 297 24.29 -3.81 22.39
CA VAL A 297 23.85 -5.10 21.87
C VAL A 297 24.79 -6.20 22.35
N SER A 298 26.10 -5.96 22.27
CA SER A 298 27.09 -6.96 22.70
C SER A 298 26.90 -7.36 24.17
N ILE A 299 26.74 -6.36 25.03
CA ILE A 299 26.63 -6.59 26.46
C ILE A 299 25.35 -7.34 26.80
N LEU A 300 24.28 -7.13 26.00
CA LEU A 300 22.98 -7.76 26.25
C LEU A 300 22.97 -9.26 25.95
N MET A 301 24.00 -9.73 25.24
CA MET A 301 24.17 -11.17 25.00
C MET A 301 24.22 -11.92 26.33
N ALA A 302 24.58 -11.21 27.40
CA ALA A 302 24.54 -11.77 28.76
C ALA A 302 23.14 -12.09 29.26
N SER A 303 22.13 -11.46 28.66
CA SER A 303 20.78 -11.46 29.23
C SER A 303 19.77 -12.27 28.44
N ILE A 304 20.16 -12.78 27.27
CA ILE A 304 19.30 -13.67 26.52
C ILE A 304 19.23 -14.99 27.29
N PRO A 305 18.04 -15.55 27.48
CA PRO A 305 18.00 -16.89 28.05
C PRO A 305 18.78 -17.91 27.22
N LEU A 306 19.39 -18.88 27.88
CA LEU A 306 20.13 -19.93 27.18
C LEU A 306 19.10 -20.93 26.68
N PRO A 307 19.41 -21.68 25.61
CA PRO A 307 18.40 -22.58 25.04
C PRO A 307 17.92 -23.60 26.06
N ASP A 308 18.85 -24.42 26.53
CA ASP A 308 18.61 -25.38 27.60
C ASP A 308 17.12 -25.57 27.98
N MET B 23 -1.08 -6.73 -10.72
CA MET B 23 -2.44 -6.76 -11.34
C MET B 23 -2.38 -6.76 -12.88
N GLU B 24 -2.01 -7.91 -13.44
CA GLU B 24 -1.88 -8.10 -14.88
C GLU B 24 -2.96 -9.06 -15.39
N ASN B 25 -4.17 -8.53 -15.60
CA ASN B 25 -5.35 -9.35 -15.91
C ASN B 25 -5.16 -10.25 -17.15
N GLY B 26 -5.10 -11.55 -16.90
CA GLY B 26 -5.03 -12.54 -17.96
C GLY B 26 -6.39 -13.07 -18.37
N TYR B 27 -7.44 -12.24 -18.30
CA TYR B 27 -8.79 -12.62 -18.76
C TYR B 27 -9.36 -11.68 -19.83
N THR B 28 -9.60 -12.25 -21.01
CA THR B 28 -10.39 -11.57 -22.04
C THR B 28 -11.85 -11.55 -21.60
N TYR B 29 -12.62 -10.63 -22.17
CA TYR B 29 -14.07 -10.66 -22.00
C TYR B 29 -14.59 -12.04 -22.40
N GLU B 30 -14.09 -12.54 -23.54
CA GLU B 30 -14.53 -13.83 -24.04
C GLU B 30 -14.25 -15.00 -23.08
N ASP B 31 -13.26 -14.86 -22.20
CA ASP B 31 -13.05 -15.88 -21.16
C ASP B 31 -14.23 -15.90 -20.19
N TYR B 32 -14.56 -14.72 -19.63
CA TYR B 32 -15.69 -14.59 -18.71
C TYR B 32 -16.94 -15.17 -19.34
N LYS B 33 -17.24 -14.69 -20.55
CA LYS B 33 -18.45 -15.11 -21.29
C LYS B 33 -18.44 -16.62 -21.52
N ASN B 34 -17.29 -17.17 -21.92
CA ASN B 34 -17.17 -18.62 -22.10
C ASN B 34 -17.48 -19.40 -20.82
N THR B 35 -16.98 -18.92 -19.67
CA THR B 35 -17.30 -19.57 -18.40
C THR B 35 -18.78 -19.42 -18.07
N ALA B 36 -19.31 -18.21 -18.23
CA ALA B 36 -20.72 -17.93 -17.92
C ALA B 36 -21.62 -18.83 -18.73
N GLU B 37 -21.39 -18.86 -20.05
CA GLU B 37 -22.19 -19.67 -20.95
C GLU B 37 -22.05 -21.15 -20.68
N TRP B 38 -20.88 -21.58 -20.23
CA TRP B 38 -20.66 -22.98 -19.90
C TRP B 38 -21.54 -23.39 -18.73
N LEU B 39 -21.56 -22.56 -17.68
CA LEU B 39 -22.42 -22.80 -16.51
C LEU B 39 -23.90 -22.78 -16.91
N LEU B 40 -24.26 -21.82 -17.76
CA LEU B 40 -25.65 -21.68 -18.23
C LEU B 40 -26.14 -22.89 -19.06
N SER B 41 -25.22 -23.64 -19.66
CA SER B 41 -25.57 -24.81 -20.47
C SER B 41 -25.35 -26.14 -19.72
N HIS B 42 -25.01 -26.07 -18.43
CA HIS B 42 -24.84 -27.28 -17.63
C HIS B 42 -25.77 -27.34 -16.41
N THR B 43 -26.40 -26.23 -16.06
CA THR B 43 -27.52 -26.19 -15.12
C THR B 43 -28.68 -25.48 -15.77
N LYS B 44 -29.89 -25.79 -15.34
CA LYS B 44 -31.08 -25.08 -15.79
C LYS B 44 -31.37 -23.90 -14.87
N HIS B 45 -30.73 -23.88 -13.70
CA HIS B 45 -30.89 -22.79 -12.77
C HIS B 45 -30.52 -21.46 -13.38
N ARG B 46 -31.28 -20.44 -13.04
CA ARG B 46 -31.03 -19.11 -13.51
C ARG B 46 -31.07 -18.17 -12.30
N PRO B 47 -29.92 -17.99 -11.64
CA PRO B 47 -29.88 -17.25 -10.39
C PRO B 47 -30.06 -15.75 -10.55
N GLN B 48 -30.73 -15.13 -9.58
CA GLN B 48 -30.78 -13.67 -9.46
C GLN B 48 -29.73 -13.18 -8.47
N VAL B 49 -29.42 -14.01 -7.48
CA VAL B 49 -28.62 -13.62 -6.31
C VAL B 49 -27.38 -14.49 -6.17
N ALA B 50 -26.20 -13.85 -6.02
CA ALA B 50 -24.96 -14.56 -5.71
C ALA B 50 -24.64 -14.33 -4.25
N ILE B 51 -24.18 -15.38 -3.57
CA ILE B 51 -23.80 -15.25 -2.17
C ILE B 51 -22.41 -15.82 -1.97
N ILE B 52 -21.50 -14.99 -1.48
CA ILE B 52 -20.16 -15.44 -1.14
C ILE B 52 -20.12 -15.79 0.34
N CYS B 53 -19.90 -17.07 0.63
CA CYS B 53 -19.83 -17.56 2.00
C CYS B 53 -18.45 -17.33 2.59
N GLY B 54 -18.41 -16.65 3.73
CA GLY B 54 -17.15 -16.46 4.43
C GLY B 54 -16.68 -17.69 5.18
N SER B 55 -15.49 -17.58 5.75
CA SER B 55 -14.87 -18.67 6.52
C SER B 55 -15.80 -19.16 7.64
N GLY B 56 -16.14 -20.44 7.62
CA GLY B 56 -17.02 -21.02 8.62
C GLY B 56 -18.50 -20.92 8.32
N LEU B 57 -18.86 -20.24 7.23
CA LEU B 57 -20.26 -20.00 6.86
C LEU B 57 -20.71 -20.85 5.66
N GLY B 58 -19.85 -21.76 5.20
CA GLY B 58 -20.13 -22.58 4.02
C GLY B 58 -21.33 -23.50 4.17
N GLY B 59 -21.72 -23.79 5.41
CA GLY B 59 -22.90 -24.58 5.72
C GLY B 59 -24.21 -23.96 5.25
N LEU B 60 -24.16 -22.71 4.81
CA LEU B 60 -25.29 -22.09 4.14
C LEU B 60 -25.79 -22.92 2.94
N THR B 61 -24.89 -23.60 2.22
CA THR B 61 -25.29 -24.35 1.03
C THR B 61 -26.26 -25.48 1.33
N ASP B 62 -26.12 -26.10 2.49
CA ASP B 62 -27.06 -27.13 2.94
C ASP B 62 -28.52 -26.67 2.96
N LYS B 63 -28.74 -25.36 3.07
CA LYS B 63 -30.08 -24.80 3.15
C LYS B 63 -30.72 -24.57 1.79
N LEU B 64 -29.94 -24.69 0.71
CA LEU B 64 -30.48 -24.56 -0.64
C LEU B 64 -31.43 -25.72 -0.95
N THR B 65 -32.50 -25.45 -1.68
CA THR B 65 -33.35 -26.51 -2.21
C THR B 65 -33.12 -26.63 -3.72
N GLN B 66 -33.41 -27.81 -4.25
CA GLN B 66 -33.22 -28.12 -5.68
C GLN B 66 -31.82 -27.77 -6.17
N ALA B 67 -30.82 -28.04 -5.34
CA ALA B 67 -29.46 -27.57 -5.58
C ALA B 67 -28.74 -28.39 -6.64
N GLN B 68 -27.65 -27.80 -7.17
CA GLN B 68 -26.71 -28.47 -8.08
C GLN B 68 -25.31 -27.97 -7.78
N ILE B 69 -24.34 -28.88 -7.81
CA ILE B 69 -22.97 -28.59 -7.41
C ILE B 69 -22.02 -28.60 -8.61
N PHE B 70 -21.19 -27.56 -8.68
CA PHE B 70 -20.05 -27.55 -9.59
C PHE B 70 -18.82 -27.30 -8.76
N ASP B 71 -17.90 -28.27 -8.74
CA ASP B 71 -16.59 -28.04 -8.16
C ASP B 71 -15.82 -27.10 -9.07
N TYR B 72 -15.11 -26.15 -8.47
CA TYR B 72 -14.31 -25.22 -9.26
C TYR B 72 -13.54 -25.97 -10.35
N GLY B 73 -12.91 -27.07 -9.98
CA GLY B 73 -12.15 -27.91 -10.91
C GLY B 73 -12.76 -28.21 -12.27
N GLU B 74 -14.08 -28.32 -12.34
CA GLU B 74 -14.77 -28.62 -13.61
C GLU B 74 -15.31 -27.40 -14.37
N ILE B 75 -15.15 -26.20 -13.80
CA ILE B 75 -15.65 -24.95 -14.41
C ILE B 75 -14.50 -24.27 -15.17
N PRO B 76 -14.56 -24.24 -16.52
CA PRO B 76 -13.45 -23.64 -17.28
C PRO B 76 -13.04 -22.24 -16.81
N ASN B 77 -11.71 -22.01 -16.78
CA ASN B 77 -11.08 -20.74 -16.43
C ASN B 77 -11.14 -20.37 -14.96
N PHE B 78 -11.68 -21.25 -14.12
CA PHE B 78 -11.82 -20.91 -12.71
C PHE B 78 -10.44 -20.99 -12.05
N PRO B 79 -10.11 -20.02 -11.17
CA PRO B 79 -8.80 -19.99 -10.50
C PRO B 79 -8.40 -21.31 -9.82
N ARG B 80 -7.15 -21.73 -10.06
CA ARG B 80 -6.66 -23.05 -9.65
C ARG B 80 -5.78 -22.96 -8.39
N SER B 81 -5.82 -24.03 -7.58
CA SER B 81 -5.09 -24.10 -6.31
C SER B 81 -3.78 -24.89 -6.44
N THR B 82 -3.16 -25.22 -5.30
CA THR B 82 -2.09 -26.23 -5.24
C THR B 82 -2.51 -27.41 -4.35
N VAL B 83 -3.82 -27.69 -4.34
CA VAL B 83 -4.46 -28.74 -3.51
C VAL B 83 -4.19 -28.64 -1.99
N PRO B 84 -4.79 -27.64 -1.32
CA PRO B 84 -4.97 -27.66 0.15
C PRO B 84 -6.13 -28.59 0.57
N GLY B 85 -6.56 -28.47 1.83
CA GLY B 85 -7.63 -29.30 2.39
C GLY B 85 -9.00 -29.01 1.80
N HIS B 86 -9.36 -27.72 1.76
CA HIS B 86 -10.67 -27.31 1.24
C HIS B 86 -10.54 -26.87 -0.23
N ALA B 87 -11.01 -27.74 -1.14
CA ALA B 87 -11.17 -27.39 -2.55
C ALA B 87 -12.60 -26.88 -2.70
N GLY B 88 -12.75 -25.60 -3.07
CA GLY B 88 -14.05 -24.96 -3.09
C GLY B 88 -14.94 -25.34 -4.25
N ARG B 89 -16.09 -24.69 -4.32
CA ARG B 89 -17.14 -25.06 -5.28
C ARG B 89 -18.28 -24.06 -5.32
N LEU B 90 -19.10 -24.19 -6.36
CA LEU B 90 -20.22 -23.30 -6.63
C LEU B 90 -21.49 -24.15 -6.46
N VAL B 91 -22.50 -23.62 -5.75
CA VAL B 91 -23.75 -24.36 -5.59
C VAL B 91 -24.96 -23.53 -6.02
N PHE B 92 -25.62 -23.97 -7.09
CA PHE B 92 -26.87 -23.34 -7.54
C PHE B 92 -28.03 -23.89 -6.75
N GLY B 93 -29.09 -23.09 -6.60
CA GLY B 93 -30.30 -23.55 -5.91
C GLY B 93 -31.22 -22.46 -5.41
N PHE B 94 -32.28 -22.85 -4.72
CA PHE B 94 -33.21 -21.90 -4.13
C PHE B 94 -32.96 -21.81 -2.65
N LEU B 95 -32.77 -20.60 -2.16
CA LEU B 95 -32.67 -20.31 -0.72
C LEU B 95 -33.92 -19.53 -0.35
N ASN B 96 -34.73 -20.11 0.53
CA ASN B 96 -35.98 -19.45 0.96
C ASN B 96 -36.79 -18.97 -0.25
N GLY B 97 -36.81 -19.79 -1.30
CA GLY B 97 -37.56 -19.48 -2.52
C GLY B 97 -36.82 -18.77 -3.64
N ARG B 98 -35.63 -18.24 -3.37
CA ARG B 98 -34.86 -17.42 -4.32
C ARG B 98 -33.84 -18.17 -5.15
N ALA B 99 -33.84 -17.93 -6.45
CA ALA B 99 -32.82 -18.48 -7.33
C ALA B 99 -31.45 -17.91 -6.93
N CYS B 100 -30.52 -18.79 -6.56
CA CYS B 100 -29.19 -18.41 -6.05
C CYS B 100 -28.08 -19.19 -6.66
N VAL B 101 -26.92 -18.55 -6.75
CA VAL B 101 -25.67 -19.24 -6.91
C VAL B 101 -24.86 -18.85 -5.70
N MET B 102 -24.16 -19.82 -5.14
CA MET B 102 -23.56 -19.69 -3.83
C MET B 102 -22.11 -20.13 -3.93
N MET B 103 -21.20 -19.28 -3.48
CA MET B 103 -19.77 -19.55 -3.56
C MET B 103 -19.27 -20.04 -2.21
N GLN B 104 -18.78 -21.28 -2.17
CA GLN B 104 -18.23 -21.83 -0.95
C GLN B 104 -16.74 -22.09 -1.11
N GLY B 105 -15.95 -21.26 -0.44
CA GLY B 105 -14.51 -21.27 -0.59
C GLY B 105 -14.15 -20.14 -1.53
N ARG B 106 -13.79 -18.99 -0.96
CA ARG B 106 -13.33 -17.86 -1.73
C ARG B 106 -11.81 -17.89 -1.88
N PHE B 107 -11.31 -17.06 -2.79
CA PHE B 107 -9.89 -16.88 -2.96
C PHE B 107 -9.48 -15.62 -2.21
N HIS B 108 -8.28 -15.66 -1.64
CA HIS B 108 -7.76 -14.51 -0.90
C HIS B 108 -6.44 -14.04 -1.48
N MET B 109 -6.25 -12.73 -1.44
CA MET B 109 -5.00 -12.09 -1.83
C MET B 109 -3.83 -12.74 -1.11
N TYR B 110 -3.96 -12.94 0.21
CA TYR B 110 -2.83 -13.43 1.04
C TYR B 110 -2.29 -14.81 0.63
N GLU B 111 -3.11 -15.59 -0.07
CA GLU B 111 -2.70 -16.89 -0.61
C GLU B 111 -1.87 -16.78 -1.88
N GLY B 112 -1.75 -15.58 -2.43
CA GLY B 112 -0.92 -15.36 -3.62
C GLY B 112 -1.70 -15.06 -4.87
N TYR B 113 -3.03 -15.11 -4.80
CA TYR B 113 -3.88 -14.84 -5.95
C TYR B 113 -3.90 -13.38 -6.26
N PRO B 114 -3.73 -13.00 -7.55
CA PRO B 114 -4.00 -11.62 -7.95
C PRO B 114 -5.47 -11.28 -7.79
N LEU B 115 -5.78 -10.04 -7.46
CA LEU B 115 -7.18 -9.64 -7.25
C LEU B 115 -8.09 -9.88 -8.48
N TRP B 116 -7.51 -9.95 -9.67
CA TRP B 116 -8.31 -10.28 -10.85
C TRP B 116 -8.71 -11.75 -10.88
N LYS B 117 -8.00 -12.58 -10.13
CA LYS B 117 -8.42 -13.98 -9.93
C LYS B 117 -9.41 -14.09 -8.80
N VAL B 118 -9.13 -13.37 -7.71
CA VAL B 118 -10.09 -13.31 -6.61
C VAL B 118 -11.48 -12.93 -7.10
N THR B 119 -11.56 -11.89 -7.93
CA THR B 119 -12.84 -11.30 -8.33
C THR B 119 -13.44 -11.82 -9.63
N PHE B 120 -12.75 -12.76 -10.27
CA PHE B 120 -13.23 -13.38 -11.52
C PHE B 120 -14.66 -13.92 -11.41
N PRO B 121 -14.97 -14.62 -10.31
CA PRO B 121 -16.34 -15.12 -10.15
C PRO B 121 -17.44 -14.04 -10.17
N VAL B 122 -17.16 -12.85 -9.64
CA VAL B 122 -18.18 -11.79 -9.60
C VAL B 122 -18.58 -11.37 -11.01
N ARG B 123 -17.62 -11.31 -11.92
CA ARG B 123 -17.94 -10.98 -13.32
C ARG B 123 -18.71 -12.10 -14.00
N VAL B 124 -18.36 -13.34 -13.70
CA VAL B 124 -19.11 -14.50 -14.19
C VAL B 124 -20.57 -14.46 -13.72
N PHE B 125 -20.76 -14.14 -12.45
CA PHE B 125 -22.12 -14.03 -11.89
C PHE B 125 -22.95 -12.99 -12.64
N HIS B 126 -22.33 -11.86 -12.97
CA HIS B 126 -22.99 -10.82 -13.73
C HIS B 126 -23.48 -11.41 -15.03
N LEU B 127 -22.58 -12.07 -15.75
CA LEU B 127 -22.94 -12.68 -17.04
C LEU B 127 -23.93 -13.86 -16.90
N LEU B 128 -24.05 -14.42 -15.70
CA LEU B 128 -25.08 -15.43 -15.43
C LEU B 128 -26.47 -14.81 -15.35
N GLY B 129 -26.53 -13.49 -15.16
CA GLY B 129 -27.79 -12.77 -15.00
C GLY B 129 -28.08 -12.31 -13.58
N VAL B 130 -27.12 -12.46 -12.68
CA VAL B 130 -27.28 -12.05 -11.28
C VAL B 130 -27.36 -10.52 -11.21
N ASP B 131 -28.26 -10.00 -10.38
CA ASP B 131 -28.35 -8.55 -10.14
C ASP B 131 -28.07 -8.16 -8.69
N THR B 132 -27.83 -9.15 -7.82
CA THR B 132 -27.53 -8.89 -6.41
C THR B 132 -26.40 -9.77 -5.90
N LEU B 133 -25.44 -9.16 -5.21
CA LEU B 133 -24.37 -9.88 -4.53
C LEU B 133 -24.45 -9.67 -3.04
N VAL B 134 -24.50 -10.77 -2.30
CA VAL B 134 -24.37 -10.72 -0.83
C VAL B 134 -23.02 -11.33 -0.40
N VAL B 135 -22.32 -10.58 0.43
CA VAL B 135 -20.99 -10.96 0.88
C VAL B 135 -21.02 -11.20 2.37
N THR B 136 -20.52 -12.36 2.80
CA THR B 136 -20.36 -12.63 4.22
C THR B 136 -18.89 -12.85 4.50
N ASN B 137 -18.47 -12.53 5.71
CA ASN B 137 -17.11 -12.83 6.14
C ASN B 137 -16.99 -12.94 7.65
N ALA B 138 -15.88 -13.50 8.12
CA ALA B 138 -15.53 -13.42 9.54
C ALA B 138 -14.58 -12.26 9.69
N ALA B 139 -14.61 -11.60 10.85
CA ALA B 139 -13.83 -10.38 11.06
C ALA B 139 -13.44 -10.16 12.53
N GLY B 140 -12.34 -9.44 12.73
CA GLY B 140 -11.91 -9.05 14.06
C GLY B 140 -12.67 -7.82 14.45
N GLY B 141 -13.05 -7.71 15.72
CA GLY B 141 -13.77 -6.54 16.18
C GLY B 141 -12.81 -5.44 16.57
N LEU B 142 -12.89 -4.29 15.89
CA LEU B 142 -12.17 -3.09 16.28
C LEU B 142 -13.01 -2.22 17.23
N ASN B 143 -14.32 -2.15 17.00
CA ASN B 143 -15.20 -1.31 17.83
C ASN B 143 -15.40 -1.93 19.23
N PRO B 144 -15.04 -1.19 20.30
CA PRO B 144 -15.20 -1.67 21.69
C PRO B 144 -16.56 -2.29 21.99
N LYS B 145 -17.62 -1.69 21.46
CA LYS B 145 -19.00 -2.18 21.65
C LYS B 145 -19.27 -3.59 21.13
N PHE B 146 -18.55 -3.99 20.08
CA PHE B 146 -18.73 -5.30 19.46
C PHE B 146 -18.29 -6.40 20.42
N GLU B 147 -19.04 -7.50 20.46
CA GLU B 147 -18.61 -8.70 21.19
C GLU B 147 -18.60 -9.93 20.30
N VAL B 148 -17.76 -10.89 20.65
CA VAL B 148 -17.63 -12.14 19.91
C VAL B 148 -19.02 -12.77 19.66
N GLY B 149 -19.30 -13.08 18.39
CA GLY B 149 -20.60 -13.60 17.98
C GLY B 149 -21.54 -12.56 17.34
N ASP B 150 -21.18 -11.29 17.44
CA ASP B 150 -22.00 -10.24 16.83
C ASP B 150 -22.01 -10.35 15.32
N ILE B 151 -23.10 -9.86 14.72
CA ILE B 151 -23.22 -9.67 13.28
C ILE B 151 -23.18 -8.18 12.99
N MET B 152 -22.29 -7.78 12.08
CA MET B 152 -22.19 -6.39 11.66
C MET B 152 -22.68 -6.25 10.24
N LEU B 153 -23.74 -5.46 10.06
CA LEU B 153 -24.15 -5.01 8.73
C LEU B 153 -23.03 -4.12 8.19
N ILE B 154 -22.50 -4.44 7.01
CA ILE B 154 -21.45 -3.63 6.43
C ILE B 154 -22.12 -2.40 5.81
N ARG B 155 -21.84 -1.24 6.37
CA ARG B 155 -22.34 0.03 5.86
C ARG B 155 -21.37 0.64 4.83
N ASP B 156 -20.09 0.42 5.04
CA ASP B 156 -19.06 1.03 4.20
C ASP B 156 -17.80 0.17 4.32
N HIS B 157 -16.79 0.51 3.53
CA HIS B 157 -15.49 -0.10 3.71
C HIS B 157 -14.36 0.88 3.51
N ILE B 158 -13.17 0.45 3.91
CA ILE B 158 -11.92 1.15 3.68
C ILE B 158 -11.01 0.14 2.99
N ASN B 159 -10.55 0.46 1.78
CA ASN B 159 -9.75 -0.46 0.94
C ASN B 159 -8.24 -0.10 0.96
N LEU B 160 -7.55 -0.50 2.02
CA LEU B 160 -6.13 -0.18 2.17
C LEU B 160 -5.25 -0.66 1.01
N PRO B 161 -5.46 -1.89 0.53
CA PRO B 161 -4.71 -2.31 -0.67
C PRO B 161 -4.96 -1.42 -1.90
N GLY B 162 -6.20 -0.93 -2.05
CA GLY B 162 -6.55 -0.10 -3.19
C GLY B 162 -5.84 1.23 -3.24
N PHE B 163 -5.60 1.81 -2.06
CA PHE B 163 -4.85 3.07 -1.94
C PHE B 163 -3.47 3.01 -2.58
N SER B 164 -2.93 1.80 -2.72
CA SER B 164 -1.55 1.65 -3.14
C SER B 164 -1.33 0.89 -4.44
N GLY B 165 -2.41 0.66 -5.17
CA GLY B 165 -2.33 0.07 -6.49
C GLY B 165 -3.07 -1.23 -6.60
N GLN B 166 -3.33 -1.87 -5.46
CA GLN B 166 -3.93 -3.20 -5.43
C GLN B 166 -5.43 -3.09 -5.43
N ASN B 167 -5.94 -2.79 -6.63
CA ASN B 167 -7.35 -2.65 -6.91
C ASN B 167 -7.66 -3.60 -8.07
N PRO B 168 -8.77 -4.35 -7.98
CA PRO B 168 -9.11 -5.35 -9.01
C PRO B 168 -9.53 -4.78 -10.36
N LEU B 169 -9.82 -3.48 -10.43
CA LEU B 169 -10.09 -2.78 -11.69
C LEU B 169 -8.82 -2.25 -12.39
N ARG B 170 -7.65 -2.42 -11.77
CA ARG B 170 -6.39 -1.95 -12.38
C ARG B 170 -6.15 -2.60 -13.75
N GLY B 171 -5.82 -1.76 -14.74
CA GLY B 171 -5.68 -2.19 -16.13
C GLY B 171 -6.67 -1.46 -17.01
N PRO B 172 -6.81 -1.90 -18.27
CA PRO B 172 -7.80 -1.24 -19.12
C PRO B 172 -9.22 -1.47 -18.62
N ASN B 173 -10.12 -0.56 -18.97
CA ASN B 173 -11.53 -0.71 -18.65
C ASN B 173 -12.23 -1.34 -19.83
N ASP B 174 -13.25 -2.12 -19.53
CA ASP B 174 -14.10 -2.74 -20.53
C ASP B 174 -15.51 -2.19 -20.30
N GLU B 175 -15.95 -1.29 -21.18
CA GLU B 175 -17.23 -0.61 -20.99
C GLU B 175 -18.41 -1.59 -20.96
N ARG B 176 -18.19 -2.81 -21.45
CA ARG B 176 -19.19 -3.88 -21.37
C ARG B 176 -19.46 -4.35 -19.94
N PHE B 177 -18.56 -4.04 -19.01
CA PHE B 177 -18.79 -4.26 -17.58
C PHE B 177 -19.19 -2.95 -16.90
N GLY B 178 -18.42 -1.89 -17.12
CA GLY B 178 -18.67 -0.64 -16.40
C GLY B 178 -17.83 0.55 -16.77
N ASP B 179 -17.97 1.61 -15.98
CA ASP B 179 -17.24 2.86 -16.22
C ASP B 179 -15.77 2.73 -15.80
N ARG B 180 -14.97 3.67 -16.28
CA ARG B 180 -13.56 3.73 -15.92
C ARG B 180 -13.40 4.01 -14.42
N PHE B 181 -14.23 4.91 -13.90
CA PHE B 181 -14.11 5.46 -12.55
C PHE B 181 -15.41 5.31 -11.76
N PRO B 182 -15.75 4.08 -11.39
CA PRO B 182 -17.04 3.84 -10.75
C PRO B 182 -17.08 4.40 -9.34
N ALA B 183 -18.22 4.92 -8.93
CA ALA B 183 -18.39 5.49 -7.59
C ALA B 183 -18.51 4.35 -6.60
N MET B 184 -17.96 4.53 -5.40
CA MET B 184 -18.15 3.59 -4.30
C MET B 184 -18.80 4.24 -3.05
N SER B 185 -19.20 5.50 -3.16
CA SER B 185 -20.00 6.16 -2.13
C SER B 185 -21.19 5.34 -1.66
N ASP B 186 -21.81 4.61 -2.59
CA ASP B 186 -23.08 3.95 -2.33
C ASP B 186 -22.97 2.46 -2.61
N ALA B 187 -21.83 1.89 -2.25
CA ALA B 187 -21.54 0.47 -2.48
C ALA B 187 -22.54 -0.45 -1.80
N TYR B 188 -22.84 -0.16 -0.54
CA TYR B 188 -23.68 -1.03 0.27
C TYR B 188 -25.11 -0.50 0.23
N ASP B 189 -25.88 -1.05 -0.70
CA ASP B 189 -27.26 -0.63 -0.98
C ASP B 189 -28.04 -0.12 0.22
N ARG B 190 -28.66 1.05 0.09
CA ARG B 190 -29.44 1.62 1.20
C ARG B 190 -30.72 0.85 1.52
N THR B 191 -31.49 0.44 0.52
CA THR B 191 -32.75 -0.26 0.77
C THR B 191 -32.53 -1.52 1.63
N MET B 192 -31.53 -2.31 1.28
CA MET B 192 -31.27 -3.59 1.96
C MET B 192 -30.78 -3.39 3.38
N ARG B 193 -30.04 -2.32 3.62
CA ARG B 193 -29.56 -2.05 4.97
C ARG B 193 -30.71 -1.71 5.90
N GLN B 194 -31.72 -1.01 5.38
CA GLN B 194 -32.92 -0.70 6.16
C GLN B 194 -33.76 -1.94 6.43
N ARG B 195 -33.80 -2.83 5.44
CA ARG B 195 -34.58 -4.06 5.55
C ARG B 195 -33.90 -5.10 6.42
N ALA B 196 -32.57 -5.14 6.38
CA ALA B 196 -31.79 -5.96 7.32
C ALA B 196 -32.15 -5.54 8.74
N LEU B 197 -31.96 -4.26 9.05
CA LEU B 197 -32.25 -3.74 10.38
C LEU B 197 -33.71 -3.92 10.78
N SER B 198 -34.61 -3.91 9.80
CA SER B 198 -36.03 -4.12 10.05
C SER B 198 -36.32 -5.58 10.42
N THR B 199 -35.89 -6.49 9.54
CA THR B 199 -36.11 -7.92 9.75
C THR B 199 -35.56 -8.36 11.10
N TRP B 200 -34.37 -7.89 11.44
CA TRP B 200 -33.74 -8.24 12.70
C TRP B 200 -34.63 -7.86 13.89
N LYS B 201 -35.21 -6.66 13.85
CA LYS B 201 -36.02 -6.15 14.96
C LYS B 201 -37.23 -7.05 15.24
N GLN B 202 -37.90 -7.50 14.18
CA GLN B 202 -39.09 -8.34 14.35
C GLN B 202 -38.76 -9.85 14.46
N MET B 203 -37.49 -10.20 14.29
CA MET B 203 -37.02 -11.54 14.67
C MET B 203 -36.92 -11.66 16.20
N GLY B 204 -36.70 -10.54 16.89
CA GLY B 204 -36.67 -10.52 18.35
C GLY B 204 -35.43 -11.16 18.93
N GLU B 205 -34.26 -10.68 18.53
CA GLU B 205 -32.98 -11.25 18.96
C GLU B 205 -32.48 -10.59 20.26
N GLN B 206 -31.67 -11.32 21.00
CA GLN B 206 -31.09 -10.83 22.26
C GLN B 206 -30.08 -9.71 21.96
N ARG B 207 -29.23 -9.93 20.96
CA ARG B 207 -28.24 -8.95 20.55
C ARG B 207 -28.79 -8.02 19.46
N GLU B 208 -28.46 -6.73 19.58
CA GLU B 208 -28.70 -5.74 18.54
C GLU B 208 -27.85 -6.06 17.30
N LEU B 209 -28.40 -5.82 16.12
CA LEU B 209 -27.62 -5.90 14.88
C LEU B 209 -26.70 -4.70 14.80
N GLN B 210 -25.39 -4.97 14.87
CA GLN B 210 -24.38 -3.94 14.74
C GLN B 210 -24.29 -3.50 13.28
N GLU B 211 -23.65 -2.35 13.07
CA GLU B 211 -23.49 -1.77 11.74
C GLU B 211 -22.26 -0.88 11.74
N GLY B 212 -21.42 -1.01 10.72
CA GLY B 212 -20.19 -0.21 10.66
C GLY B 212 -19.32 -0.46 9.45
N THR B 213 -18.07 -0.01 9.56
CA THR B 213 -17.11 -0.03 8.47
C THR B 213 -16.14 -1.20 8.56
N TYR B 214 -16.00 -1.93 7.47
CA TYR B 214 -15.07 -3.05 7.35
C TYR B 214 -13.81 -2.59 6.65
N VAL B 215 -12.66 -2.77 7.29
CA VAL B 215 -11.38 -2.43 6.67
C VAL B 215 -10.69 -3.70 6.15
N MET B 216 -10.27 -3.69 4.89
CA MET B 216 -9.50 -4.79 4.34
C MET B 216 -8.01 -4.53 4.55
N VAL B 217 -7.34 -5.51 5.15
CA VAL B 217 -5.87 -5.56 5.18
C VAL B 217 -5.47 -6.83 4.43
N ALA B 218 -4.32 -6.79 3.78
CA ALA B 218 -3.97 -7.87 2.86
C ALA B 218 -3.65 -9.19 3.57
N GLY B 219 -3.12 -9.10 4.79
CA GLY B 219 -2.70 -10.29 5.52
C GLY B 219 -1.44 -10.88 4.91
N PRO B 220 -1.07 -12.10 5.32
CA PRO B 220 -1.74 -13.04 6.22
C PRO B 220 -1.42 -12.85 7.70
N SER B 221 -0.30 -12.21 8.02
CA SER B 221 0.04 -11.93 9.42
C SER B 221 -1.05 -11.05 10.03
N PHE B 222 -1.32 -11.27 11.31
CA PHE B 222 -2.28 -10.45 12.05
C PHE B 222 -1.64 -9.15 12.51
N GLN B 223 -2.49 -8.24 13.00
CA GLN B 223 -2.08 -6.87 13.26
C GLN B 223 -1.39 -6.78 14.59
N THR B 224 -0.44 -5.84 14.69
CA THR B 224 0.15 -5.52 15.99
C THR B 224 -0.82 -4.60 16.71
N VAL B 225 -0.55 -4.29 17.98
CA VAL B 225 -1.39 -3.33 18.72
C VAL B 225 -1.35 -1.97 18.03
N ALA B 226 -0.14 -1.49 17.72
CA ALA B 226 0.04 -0.21 17.02
C ALA B 226 -0.82 -0.15 15.78
N GLU B 227 -0.78 -1.20 14.97
CA GLU B 227 -1.51 -1.24 13.71
C GLU B 227 -3.00 -1.25 13.94
N CYS B 228 -3.44 -2.03 14.93
CA CYS B 228 -4.83 -2.06 15.32
C CYS B 228 -5.33 -0.66 15.71
N ARG B 229 -4.47 0.12 16.37
CA ARG B 229 -4.81 1.49 16.73
C ARG B 229 -4.99 2.37 15.49
N VAL B 230 -4.09 2.29 14.52
CA VAL B 230 -4.26 3.11 13.32
C VAL B 230 -5.62 2.77 12.72
N LEU B 231 -5.87 1.48 12.47
CA LEU B 231 -7.16 1.01 11.97
C LEU B 231 -8.38 1.59 12.70
N GLN B 232 -8.32 1.68 14.03
CA GLN B 232 -9.37 2.37 14.79
C GLN B 232 -9.46 3.84 14.41
N LYS B 233 -8.32 4.54 14.45
CA LYS B 233 -8.23 5.97 14.10
C LYS B 233 -8.76 6.28 12.68
N LEU B 234 -8.51 5.37 11.74
CA LEU B 234 -9.09 5.40 10.40
C LEU B 234 -10.63 5.26 10.37
N GLY B 235 -11.23 4.88 11.49
CA GLY B 235 -12.70 4.81 11.64
C GLY B 235 -13.30 3.45 11.31
N ALA B 236 -12.45 2.42 11.30
CA ALA B 236 -12.89 1.07 10.96
C ALA B 236 -13.40 0.36 12.21
N ASP B 237 -14.55 -0.29 12.07
CA ASP B 237 -15.19 -1.05 13.14
C ASP B 237 -14.84 -2.55 13.13
N ALA B 238 -14.41 -3.06 11.97
CA ALA B 238 -14.03 -4.46 11.84
C ALA B 238 -12.95 -4.63 10.77
N VAL B 239 -12.07 -5.61 10.97
CA VAL B 239 -10.98 -5.85 10.05
C VAL B 239 -11.04 -7.28 9.51
N GLY B 240 -10.68 -7.45 8.24
CA GLY B 240 -10.57 -8.77 7.63
C GLY B 240 -9.65 -8.73 6.41
N MET B 241 -9.61 -9.81 5.64
CA MET B 241 -8.65 -9.91 4.53
C MET B 241 -9.30 -10.28 3.21
N SER B 242 -10.54 -9.84 3.00
CA SER B 242 -11.30 -10.23 1.82
C SER B 242 -12.39 -9.20 1.52
N THR B 243 -13.27 -9.58 0.58
CA THR B 243 -14.61 -9.00 0.41
C THR B 243 -14.64 -7.69 -0.38
N VAL B 244 -13.77 -6.76 0.00
CA VAL B 244 -13.71 -5.45 -0.63
C VAL B 244 -13.45 -5.54 -2.14
N PRO B 245 -12.46 -6.34 -2.56
CA PRO B 245 -12.27 -6.59 -3.99
C PRO B 245 -13.55 -7.00 -4.70
N GLU B 246 -14.24 -8.00 -4.15
CA GLU B 246 -15.45 -8.52 -4.75
C GLU B 246 -16.55 -7.48 -4.83
N VAL B 247 -16.70 -6.65 -3.78
CA VAL B 247 -17.70 -5.59 -3.79
C VAL B 247 -17.44 -4.60 -4.91
N ILE B 248 -16.20 -4.11 -4.97
CA ILE B 248 -15.78 -3.13 -5.98
C ILE B 248 -16.08 -3.62 -7.39
N VAL B 249 -15.78 -4.88 -7.70
CA VAL B 249 -16.06 -5.34 -9.08
C VAL B 249 -17.53 -5.64 -9.28
N ALA B 250 -18.26 -5.91 -8.20
CA ALA B 250 -19.71 -6.01 -8.25
C ALA B 250 -20.36 -4.67 -8.67
N ARG B 251 -19.98 -3.59 -8.01
CA ARG B 251 -20.56 -2.27 -8.30
C ARG B 251 -20.18 -1.75 -9.68
N HIS B 252 -18.96 -2.02 -10.11
CA HIS B 252 -18.52 -1.74 -11.49
C HIS B 252 -19.46 -2.41 -12.51
N CYS B 253 -20.08 -3.53 -12.13
CA CYS B 253 -21.08 -4.23 -12.96
C CYS B 253 -22.50 -3.78 -12.71
N GLY B 254 -22.73 -2.97 -11.68
CA GLY B 254 -24.07 -2.50 -11.32
C GLY B 254 -24.87 -3.40 -10.41
N LEU B 255 -24.20 -4.37 -9.79
CA LEU B 255 -24.87 -5.31 -8.89
C LEU B 255 -25.29 -4.62 -7.60
N ARG B 256 -26.44 -5.04 -7.07
CA ARG B 256 -26.84 -4.63 -5.74
C ARG B 256 -25.95 -5.40 -4.76
N VAL B 257 -25.39 -4.70 -3.78
CA VAL B 257 -24.53 -5.35 -2.81
C VAL B 257 -25.02 -5.12 -1.38
N PHE B 258 -24.96 -6.18 -0.59
CA PHE B 258 -25.07 -6.03 0.87
C PHE B 258 -24.40 -7.22 1.53
N GLY B 259 -24.04 -7.05 2.80
CA GLY B 259 -23.23 -8.06 3.45
C GLY B 259 -23.05 -7.90 4.94
N PHE B 260 -22.37 -8.89 5.52
CA PHE B 260 -22.20 -8.98 6.95
C PHE B 260 -20.84 -9.49 7.35
N SER B 261 -20.35 -9.01 8.48
CA SER B 261 -19.18 -9.60 9.10
C SER B 261 -19.63 -10.24 10.39
N LEU B 262 -19.20 -11.49 10.59
CA LEU B 262 -19.41 -12.18 11.86
C LEU B 262 -18.19 -11.89 12.73
N ILE B 263 -18.38 -11.25 13.88
CA ILE B 263 -17.24 -10.89 14.73
C ILE B 263 -16.72 -12.12 15.48
N THR B 264 -15.55 -12.63 15.05
CA THR B 264 -15.01 -13.88 15.59
C THR B 264 -14.17 -13.67 16.87
N ASP B 265 -13.29 -12.67 16.88
CA ASP B 265 -12.63 -12.25 18.13
C ASP B 265 -12.60 -10.73 18.25
N LYS B 266 -12.16 -10.24 19.40
CA LYS B 266 -11.89 -8.81 19.59
C LYS B 266 -10.39 -8.60 19.55
N VAL B 267 -9.94 -7.66 18.72
CA VAL B 267 -8.51 -7.43 18.57
C VAL B 267 -8.04 -6.58 19.75
N ILE B 268 -6.86 -6.92 20.25
CA ILE B 268 -6.30 -6.22 21.39
C ILE B 268 -5.81 -4.88 20.91
N MET B 269 -6.15 -3.83 21.66
CA MET B 269 -5.91 -2.46 21.22
C MET B 269 -5.13 -1.65 22.25
N ASP B 270 -4.46 -2.32 23.16
CA ASP B 270 -3.54 -1.67 24.09
C ASP B 270 -2.58 -2.71 24.64
N TYR B 271 -1.39 -2.24 25.02
CA TYR B 271 -0.34 -3.14 25.48
C TYR B 271 -0.71 -3.69 26.84
N GLU B 272 -1.47 -2.90 27.61
CA GLU B 272 -1.96 -3.32 28.93
C GLU B 272 -2.71 -4.64 28.82
N SER B 273 -3.69 -4.69 27.93
CA SER B 273 -4.48 -5.91 27.69
C SER B 273 -3.73 -6.98 26.88
N LEU B 274 -2.54 -6.66 26.37
CA LEU B 274 -1.72 -7.63 25.65
C LEU B 274 -1.12 -8.66 26.62
N GLU B 275 -0.53 -8.19 27.71
CA GLU B 275 0.02 -9.08 28.75
C GLU B 275 -1.05 -10.00 29.33
N LYS B 276 -2.22 -9.42 29.55
CA LYS B 276 -3.39 -10.14 30.08
C LYS B 276 -3.93 -11.18 29.08
N ALA B 277 -3.60 -11.03 27.80
CA ALA B 277 -3.90 -12.02 26.79
C ALA B 277 -3.08 -13.26 27.10
N ASN B 278 -3.70 -14.21 27.80
CA ASN B 278 -3.01 -15.40 28.28
C ASN B 278 -3.63 -16.66 27.73
N HIS B 279 -4.86 -16.95 28.16
CA HIS B 279 -5.49 -18.24 27.95
C HIS B 279 -5.67 -18.66 26.48
N GLU B 280 -5.70 -17.71 25.55
CA GLU B 280 -6.36 -17.99 24.26
C GLU B 280 -5.87 -17.47 22.92
N GLU B 281 -6.65 -17.87 21.92
CA GLU B 281 -6.34 -17.71 20.51
C GLU B 281 -7.59 -17.22 19.80
N VAL B 282 -7.41 -16.82 18.55
CA VAL B 282 -8.52 -16.38 17.71
C VAL B 282 -9.16 -17.62 17.08
N LEU B 283 -10.19 -18.15 17.74
CA LEU B 283 -10.90 -19.31 17.19
C LEU B 283 -11.72 -18.96 15.95
N ALA B 284 -12.22 -20.00 15.30
CA ALA B 284 -13.10 -19.84 14.15
C ALA B 284 -14.41 -19.24 14.62
N ALA B 285 -15.32 -19.07 13.67
CA ALA B 285 -16.66 -18.62 13.99
C ALA B 285 -17.33 -19.72 14.79
N GLY B 286 -17.58 -19.43 16.06
CA GLY B 286 -18.31 -20.33 16.93
C GLY B 286 -19.50 -20.87 16.17
N LYS B 287 -19.56 -22.19 16.04
CA LYS B 287 -20.52 -22.85 15.16
C LYS B 287 -21.97 -22.41 15.38
N GLN B 288 -22.28 -21.89 16.56
CA GLN B 288 -23.63 -21.36 16.86
C GLN B 288 -23.90 -19.99 16.21
N ALA B 289 -22.98 -19.05 16.40
CA ALA B 289 -23.13 -17.69 15.88
C ALA B 289 -23.13 -17.66 14.36
N ALA B 290 -22.39 -18.57 13.74
CA ALA B 290 -22.37 -18.72 12.28
C ALA B 290 -23.74 -19.16 11.80
N GLN B 291 -24.31 -20.12 12.50
CA GLN B 291 -25.62 -20.64 12.15
C GLN B 291 -26.69 -19.55 12.23
N LYS B 292 -26.53 -18.62 13.18
CA LYS B 292 -27.44 -17.50 13.34
C LYS B 292 -27.38 -16.60 12.11
N LEU B 293 -26.16 -16.25 11.68
CA LEU B 293 -25.96 -15.46 10.48
C LEU B 293 -26.54 -16.21 9.27
N GLU B 294 -26.17 -17.47 9.11
CA GLU B 294 -26.60 -18.25 7.95
C GLU B 294 -28.13 -18.22 7.78
N GLN B 295 -28.85 -18.24 8.89
CA GLN B 295 -30.30 -18.23 8.81
C GLN B 295 -30.88 -16.81 8.66
N PHE B 296 -30.13 -15.80 9.10
CA PHE B 296 -30.52 -14.41 8.83
C PHE B 296 -30.42 -14.11 7.33
N VAL B 297 -29.38 -14.63 6.69
CA VAL B 297 -29.19 -14.46 5.25
C VAL B 297 -30.36 -15.12 4.49
N SER B 298 -30.77 -16.31 4.90
CA SER B 298 -31.92 -17.00 4.28
C SER B 298 -33.20 -16.18 4.37
N ILE B 299 -33.47 -15.70 5.59
CA ILE B 299 -34.65 -14.89 5.86
C ILE B 299 -34.66 -13.57 5.06
N LEU B 300 -33.48 -12.98 4.83
CA LEU B 300 -33.37 -11.73 4.07
C LEU B 300 -33.56 -11.90 2.56
N MET B 301 -33.63 -13.14 2.07
CA MET B 301 -33.90 -13.39 0.67
C MET B 301 -35.27 -12.80 0.27
N ALA B 302 -36.22 -12.85 1.19
CA ALA B 302 -37.56 -12.32 0.94
C ALA B 302 -37.62 -10.77 0.94
N SER B 303 -36.49 -10.10 1.19
CA SER B 303 -36.46 -8.63 1.17
C SER B 303 -35.73 -8.07 -0.06
N ILE B 304 -35.01 -8.93 -0.77
CA ILE B 304 -34.31 -8.53 -1.98
C ILE B 304 -35.38 -8.19 -3.00
N PRO B 305 -35.26 -7.07 -3.73
CA PRO B 305 -36.27 -6.79 -4.74
C PRO B 305 -36.24 -7.79 -5.91
N LEU B 306 -37.37 -7.90 -6.61
CA LEU B 306 -37.47 -8.76 -7.78
C LEU B 306 -36.77 -8.07 -8.96
N PRO B 307 -36.39 -8.83 -10.01
CA PRO B 307 -35.88 -8.18 -11.21
C PRO B 307 -37.01 -7.80 -12.16
N ASN C 25 14.83 -3.38 -13.92
CA ASN C 25 13.49 -3.47 -14.55
C ASN C 25 13.20 -2.25 -15.44
N GLY C 26 12.99 -2.49 -16.74
CA GLY C 26 12.70 -1.43 -17.70
C GLY C 26 13.93 -0.78 -18.29
N TYR C 27 14.20 0.46 -17.90
CA TYR C 27 15.03 1.35 -18.69
C TYR C 27 16.44 1.58 -18.15
N THR C 28 17.43 1.43 -19.04
CA THR C 28 18.83 1.75 -18.73
C THR C 28 19.17 3.20 -19.10
N TYR C 29 20.28 3.70 -18.54
CA TYR C 29 20.72 5.10 -18.78
C TYR C 29 20.93 5.43 -20.26
N GLU C 30 21.48 4.49 -21.02
CA GLU C 30 21.56 4.62 -22.48
C GLU C 30 20.21 4.87 -23.13
N ASP C 31 19.23 4.08 -22.73
CA ASP C 31 17.89 4.13 -23.31
C ASP C 31 17.33 5.54 -23.18
N TYR C 32 17.38 6.09 -21.97
CA TYR C 32 16.96 7.47 -21.77
C TYR C 32 17.73 8.39 -22.71
N LYS C 33 19.05 8.22 -22.74
CA LYS C 33 19.90 9.07 -23.54
C LYS C 33 19.66 8.95 -25.04
N ASN C 34 19.37 7.75 -25.51
CA ASN C 34 19.06 7.54 -26.93
C ASN C 34 17.76 8.22 -27.30
N THR C 35 16.74 8.05 -26.47
CA THR C 35 15.47 8.75 -26.67
C THR C 35 15.71 10.27 -26.70
N ALA C 36 16.49 10.77 -25.75
CA ALA C 36 16.75 12.20 -25.66
C ALA C 36 17.39 12.70 -26.95
N GLU C 37 18.43 11.99 -27.41
CA GLU C 37 19.16 12.39 -28.61
C GLU C 37 18.36 12.26 -29.88
N TRP C 38 17.54 11.21 -29.97
CA TRP C 38 16.66 11.06 -31.12
C TRP C 38 15.81 12.32 -31.26
N LEU C 39 15.19 12.72 -30.16
CA LEU C 39 14.36 13.92 -30.14
C LEU C 39 15.17 15.15 -30.49
N LEU C 40 16.36 15.27 -29.88
CA LEU C 40 17.26 16.37 -30.20
C LEU C 40 17.64 16.38 -31.69
N SER C 41 17.93 15.22 -32.25
CA SER C 41 18.29 15.13 -33.68
C SER C 41 17.08 15.06 -34.61
N HIS C 42 15.88 15.16 -34.05
CA HIS C 42 14.64 15.22 -34.84
C HIS C 42 13.83 16.49 -34.59
N THR C 43 14.43 17.45 -33.87
CA THR C 43 13.83 18.77 -33.73
C THR C 43 14.86 19.87 -33.48
N LYS C 44 14.58 21.07 -34.00
CA LYS C 44 15.42 22.24 -33.77
C LYS C 44 15.09 22.86 -32.40
N HIS C 45 13.98 22.42 -31.82
CA HIS C 45 13.55 22.90 -30.51
C HIS C 45 14.44 22.38 -29.38
N ARG C 46 14.79 23.29 -28.49
CA ARG C 46 15.56 22.98 -27.29
C ARG C 46 14.79 23.56 -26.13
N PRO C 47 14.00 22.72 -25.43
CA PRO C 47 13.06 23.21 -24.44
C PRO C 47 13.64 23.40 -23.06
N GLN C 48 13.23 24.49 -22.41
CA GLN C 48 13.63 24.79 -21.04
C GLN C 48 12.59 24.26 -20.05
N VAL C 49 11.31 24.33 -20.44
CA VAL C 49 10.19 23.99 -19.55
C VAL C 49 9.42 22.81 -20.10
N ALA C 50 9.00 21.90 -19.22
CA ALA C 50 8.11 20.79 -19.60
C ALA C 50 6.79 20.90 -18.86
N ILE C 51 5.69 20.63 -19.59
CA ILE C 51 4.35 20.75 -19.07
C ILE C 51 3.60 19.46 -19.33
N ILE C 52 3.26 18.75 -18.25
CA ILE C 52 2.41 17.57 -18.31
C ILE C 52 0.99 17.97 -17.97
N CYS C 53 0.12 18.06 -18.98
CA CYS C 53 -1.25 18.49 -18.75
C CYS C 53 -2.10 17.30 -18.35
N GLY C 54 -2.96 17.50 -17.36
CA GLY C 54 -3.89 16.47 -16.95
C GLY C 54 -5.13 16.40 -17.81
N SER C 55 -6.12 15.71 -17.28
CA SER C 55 -7.38 15.43 -17.96
C SER C 55 -8.17 16.70 -18.25
N GLY C 56 -8.45 16.95 -19.52
CA GLY C 56 -9.21 18.12 -19.95
C GLY C 56 -8.45 19.44 -19.90
N LEU C 57 -7.12 19.37 -19.89
CA LEU C 57 -6.28 20.57 -19.73
C LEU C 57 -5.23 20.69 -20.83
N GLY C 58 -5.46 20.05 -21.96
CA GLY C 58 -4.47 19.97 -23.03
C GLY C 58 -4.69 20.95 -24.17
N GLY C 59 -5.73 21.78 -24.07
CA GLY C 59 -5.95 22.85 -25.03
C GLY C 59 -4.78 23.81 -25.10
N LEU C 60 -3.98 23.84 -24.03
CA LEU C 60 -2.76 24.64 -23.96
C LEU C 60 -1.81 24.37 -25.14
N THR C 61 -1.87 23.17 -25.71
CA THR C 61 -1.03 22.84 -26.86
C THR C 61 -1.36 23.61 -28.15
N ASP C 62 -2.57 24.17 -28.23
CA ASP C 62 -2.98 24.96 -29.40
C ASP C 62 -2.37 26.34 -29.37
N LYS C 63 -1.93 26.79 -28.20
CA LYS C 63 -1.35 28.12 -28.08
C LYS C 63 0.16 28.14 -28.37
N LEU C 64 0.70 26.99 -28.77
CA LEU C 64 2.12 26.85 -29.03
C LEU C 64 2.46 27.30 -30.44
N THR C 65 3.43 28.22 -30.56
CA THR C 65 3.95 28.62 -31.88
C THR C 65 5.09 27.69 -32.28
N GLN C 66 5.36 27.62 -33.58
CA GLN C 66 6.45 26.77 -34.12
C GLN C 66 6.26 25.32 -33.70
N ALA C 67 5.02 24.92 -33.46
CA ALA C 67 4.76 23.64 -32.79
C ALA C 67 5.24 22.47 -33.64
N GLN C 68 5.85 21.49 -32.98
CA GLN C 68 6.36 20.30 -33.66
C GLN C 68 5.95 19.05 -32.90
N ILE C 69 5.15 18.20 -33.56
CA ILE C 69 4.41 17.12 -32.89
C ILE C 69 5.07 15.75 -33.08
N PHE C 70 5.10 14.97 -32.00
CA PHE C 70 5.58 13.58 -32.03
C PHE C 70 4.60 12.67 -31.31
N ASP C 71 4.00 11.71 -32.03
CA ASP C 71 3.23 10.64 -31.38
C ASP C 71 4.20 9.75 -30.59
N TYR C 72 3.76 9.17 -29.47
CA TYR C 72 4.67 8.35 -28.64
C TYR C 72 5.26 7.13 -29.36
N GLY C 73 4.46 6.44 -30.18
CA GLY C 73 4.93 5.27 -30.91
C GLY C 73 6.08 5.56 -31.86
N GLU C 74 6.23 6.85 -32.17
CA GLU C 74 7.26 7.35 -33.07
C GLU C 74 8.61 7.37 -32.37
N ILE C 75 8.60 7.55 -31.05
CA ILE C 75 9.80 7.81 -30.25
C ILE C 75 10.40 6.52 -29.69
N PRO C 76 11.71 6.28 -29.93
CA PRO C 76 12.39 5.11 -29.36
C PRO C 76 12.23 4.95 -27.85
N ASN C 77 11.91 3.71 -27.43
CA ASN C 77 11.79 3.33 -26.02
C ASN C 77 10.62 3.95 -25.27
N PHE C 78 9.78 4.71 -25.94
CA PHE C 78 8.65 5.34 -25.26
C PHE C 78 7.60 4.28 -24.95
N PRO C 79 6.85 4.45 -23.84
CA PRO C 79 5.68 3.60 -23.65
C PRO C 79 4.59 3.92 -24.66
N ARG C 80 4.02 2.89 -25.28
CA ARG C 80 2.96 3.08 -26.28
C ARG C 80 1.65 3.35 -25.54
N SER C 81 1.02 4.47 -25.86
CA SER C 81 -0.27 4.88 -25.25
C SER C 81 -1.42 3.96 -25.68
N THR C 82 -1.61 2.85 -24.95
CA THR C 82 -2.72 1.93 -25.16
C THR C 82 -3.47 1.68 -23.84
N ALA C 87 -3.86 7.58 -27.67
CA ALA C 87 -4.14 9.00 -27.86
C ALA C 87 -3.11 9.87 -27.12
N GLY C 88 -1.82 9.58 -27.32
CA GLY C 88 -0.74 10.29 -26.63
C GLY C 88 0.35 10.86 -27.54
N ARG C 89 0.62 12.16 -27.39
CA ARG C 89 1.63 12.87 -28.20
C ARG C 89 2.56 13.74 -27.34
N LEU C 90 3.69 14.12 -27.94
CA LEU C 90 4.64 15.08 -27.35
C LEU C 90 4.66 16.27 -28.30
N VAL C 91 4.53 17.48 -27.77
CA VAL C 91 4.50 18.69 -28.61
C VAL C 91 5.54 19.68 -28.13
N PHE C 92 6.34 20.17 -29.07
CA PHE C 92 7.37 21.16 -28.80
C PHE C 92 6.97 22.48 -29.44
N GLY C 93 7.31 23.58 -28.78
CA GLY C 93 6.99 24.89 -29.32
C GLY C 93 7.19 25.94 -28.27
N PHE C 94 6.86 27.18 -28.62
CA PHE C 94 7.01 28.28 -27.69
C PHE C 94 5.66 28.62 -27.10
N LEU C 95 5.60 28.75 -25.79
CA LEU C 95 4.43 29.28 -25.09
C LEU C 95 4.84 30.56 -24.34
N ASN C 96 4.22 31.68 -24.71
CA ASN C 96 4.46 32.95 -24.03
C ASN C 96 5.95 33.20 -23.86
N GLY C 97 6.69 33.01 -24.95
CA GLY C 97 8.12 33.34 -25.00
C GLY C 97 9.07 32.28 -24.48
N ARG C 98 8.57 31.07 -24.22
CA ARG C 98 9.39 30.02 -23.62
C ARG C 98 9.39 28.74 -24.45
N ALA C 99 10.58 28.20 -24.67
CA ALA C 99 10.74 26.91 -25.34
C ALA C 99 10.21 25.78 -24.45
N CYS C 100 9.12 25.14 -24.88
CA CYS C 100 8.42 24.13 -24.09
C CYS C 100 8.38 22.79 -24.75
N VAL C 101 8.25 21.75 -23.93
CA VAL C 101 7.86 20.45 -24.41
C VAL C 101 6.60 20.07 -23.64
N MET C 102 5.55 19.77 -24.38
CA MET C 102 4.25 19.56 -23.79
C MET C 102 3.84 18.11 -23.96
N MET C 103 3.28 17.55 -22.91
CA MET C 103 2.83 16.17 -22.90
C MET C 103 1.32 16.19 -22.79
N GLN C 104 0.65 15.77 -23.86
CA GLN C 104 -0.80 15.67 -23.89
C GLN C 104 -1.17 14.19 -23.86
N GLY C 105 -1.96 13.80 -22.86
CA GLY C 105 -2.31 12.40 -22.67
C GLY C 105 -1.24 11.67 -21.87
N ARG C 106 -1.21 11.92 -20.57
CA ARG C 106 -0.22 11.31 -19.68
C ARG C 106 -0.53 9.84 -19.35
N PHE C 107 0.44 9.15 -18.74
CA PHE C 107 0.26 7.75 -18.32
C PHE C 107 -0.16 7.65 -16.85
N HIS C 108 -1.07 6.71 -16.59
CA HIS C 108 -1.64 6.51 -15.27
C HIS C 108 -1.41 5.10 -14.77
N MET C 109 -1.15 5.00 -13.48
CA MET C 109 -0.96 3.71 -12.81
C MET C 109 -2.22 2.83 -12.92
N TYR C 110 -3.41 3.43 -12.82
CA TYR C 110 -4.67 2.67 -12.96
C TYR C 110 -4.84 2.02 -14.34
N GLU C 111 -4.23 2.58 -15.37
CA GLU C 111 -4.29 2.03 -16.73
C GLU C 111 -3.48 0.74 -16.86
N GLY C 112 -2.75 0.37 -15.81
CA GLY C 112 -1.93 -0.85 -15.83
C GLY C 112 -0.44 -0.57 -15.97
N TYR C 113 -0.08 0.67 -16.30
CA TYR C 113 1.31 1.05 -16.49
C TYR C 113 2.11 0.97 -15.16
N PRO C 114 3.28 0.31 -15.18
CA PRO C 114 4.21 0.39 -14.05
C PRO C 114 4.83 1.79 -13.95
N LEU C 115 5.12 2.25 -12.74
CA LEU C 115 5.56 3.63 -12.53
C LEU C 115 6.85 4.02 -13.25
N TRP C 116 7.70 3.03 -13.57
CA TRP C 116 8.91 3.33 -14.33
C TRP C 116 8.64 3.67 -15.79
N LYS C 117 7.44 3.31 -16.31
CA LYS C 117 6.98 3.81 -17.61
C LYS C 117 6.31 5.15 -17.41
N VAL C 118 5.43 5.22 -16.42
CA VAL C 118 4.72 6.45 -16.08
C VAL C 118 5.67 7.65 -16.06
N THR C 119 6.82 7.47 -15.43
CA THR C 119 7.75 8.58 -15.20
C THR C 119 8.93 8.62 -16.16
N PHE C 120 8.90 7.77 -17.19
CA PHE C 120 9.99 7.72 -18.17
C PHE C 120 10.19 9.05 -18.89
N PRO C 121 9.10 9.71 -19.30
CA PRO C 121 9.32 10.99 -19.97
C PRO C 121 10.06 12.04 -19.13
N VAL C 122 9.84 12.04 -17.81
CA VAL C 122 10.42 13.09 -16.95
C VAL C 122 11.96 13.11 -16.99
N ARG C 123 12.55 11.95 -17.20
CA ARG C 123 13.99 11.86 -17.31
C ARG C 123 14.48 12.22 -18.68
N VAL C 124 13.71 11.85 -19.69
CA VAL C 124 14.03 12.27 -21.04
C VAL C 124 14.05 13.80 -21.04
N PHE C 125 13.00 14.42 -20.48
CA PHE C 125 12.93 15.89 -20.42
C PHE C 125 14.21 16.47 -19.84
N HIS C 126 14.72 15.82 -18.80
CA HIS C 126 15.97 16.22 -18.17
C HIS C 126 17.14 16.12 -19.14
N LEU C 127 17.28 14.99 -19.82
CA LEU C 127 18.34 14.82 -20.81
C LEU C 127 18.12 15.67 -22.07
N LEU C 128 16.90 16.17 -22.24
CA LEU C 128 16.61 17.17 -23.27
C LEU C 128 17.15 18.56 -22.89
N GLY C 129 17.42 18.79 -21.61
CA GLY C 129 17.87 20.10 -21.13
C GLY C 129 16.80 20.93 -20.43
N VAL C 130 15.64 20.33 -20.16
CA VAL C 130 14.58 21.00 -19.41
C VAL C 130 15.04 21.15 -17.96
N ASP C 131 14.76 22.30 -17.34
CA ASP C 131 15.09 22.50 -15.93
C ASP C 131 13.87 22.82 -15.02
N THR C 132 12.72 23.06 -15.63
CA THR C 132 11.49 23.28 -14.88
C THR C 132 10.43 22.32 -15.40
N LEU C 133 9.66 21.73 -14.49
CA LEU C 133 8.50 20.93 -14.87
C LEU C 133 7.26 21.49 -14.23
N VAL C 134 6.23 21.74 -15.03
CA VAL C 134 4.92 22.12 -14.49
C VAL C 134 3.94 20.98 -14.70
N VAL C 135 3.19 20.66 -13.66
CA VAL C 135 2.24 19.54 -13.67
C VAL C 135 0.87 20.08 -13.34
N THR C 136 -0.12 19.68 -14.12
CA THR C 136 -1.51 19.96 -13.78
C THR C 136 -2.27 18.65 -13.64
N ASN C 137 -3.35 18.68 -12.85
CA ASN C 137 -4.26 17.54 -12.74
C ASN C 137 -5.68 17.93 -12.36
N ALA C 138 -6.58 16.97 -12.56
CA ALA C 138 -7.95 17.09 -12.08
C ALA C 138 -7.97 16.41 -10.73
N ALA C 139 -8.65 17.01 -9.76
CA ALA C 139 -8.71 16.43 -8.43
C ALA C 139 -10.09 16.60 -7.81
N GLY C 140 -10.40 15.71 -6.88
CA GLY C 140 -11.61 15.83 -6.07
C GLY C 140 -11.21 16.61 -4.84
N GLY C 141 -12.07 17.55 -4.43
CA GLY C 141 -11.78 18.40 -3.29
C GLY C 141 -12.17 17.76 -1.97
N LEU C 142 -11.19 17.61 -1.08
CA LEU C 142 -11.40 17.07 0.26
C LEU C 142 -11.62 18.19 1.28
N ASN C 143 -11.00 19.35 1.04
CA ASN C 143 -11.18 20.51 1.90
C ASN C 143 -12.56 21.13 1.70
N PRO C 144 -13.40 21.19 2.76
CA PRO C 144 -14.76 21.74 2.65
C PRO C 144 -14.82 23.09 1.97
N LYS C 145 -13.87 23.96 2.26
CA LYS C 145 -13.78 25.30 1.65
C LYS C 145 -13.76 25.28 0.12
N PHE C 146 -13.18 24.22 -0.46
CA PHE C 146 -12.97 24.15 -1.91
C PHE C 146 -14.29 24.03 -2.65
N GLU C 147 -14.44 24.82 -3.72
CA GLU C 147 -15.59 24.73 -4.59
C GLU C 147 -15.18 24.23 -5.97
N VAL C 148 -16.12 23.64 -6.69
CA VAL C 148 -15.88 23.17 -8.05
C VAL C 148 -15.45 24.36 -8.88
N GLY C 149 -14.37 24.19 -9.65
CA GLY C 149 -13.78 25.29 -10.41
C GLY C 149 -12.50 25.84 -9.78
N ASP C 150 -12.34 25.71 -8.46
CA ASP C 150 -11.16 26.19 -7.77
C ASP C 150 -9.88 25.62 -8.37
N ILE C 151 -8.84 26.43 -8.39
CA ILE C 151 -7.50 26.02 -8.73
C ILE C 151 -6.71 25.92 -7.41
N MET C 152 -5.97 24.82 -7.24
CA MET C 152 -5.16 24.62 -6.04
C MET C 152 -3.67 24.57 -6.38
N LEU C 153 -2.92 25.56 -5.86
CA LEU C 153 -1.48 25.54 -5.96
C LEU C 153 -1.01 24.38 -5.12
N ILE C 154 -0.40 23.38 -5.75
CA ILE C 154 0.08 22.22 -5.01
C ILE C 154 1.28 22.64 -4.18
N ARG C 155 1.10 22.53 -2.87
CA ARG C 155 2.07 22.97 -1.88
C ARG C 155 2.89 21.78 -1.37
N ASP C 156 2.31 20.58 -1.40
CA ASP C 156 2.94 19.37 -0.89
C ASP C 156 2.10 18.17 -1.33
N HIS C 157 2.64 16.95 -1.21
CA HIS C 157 1.83 15.76 -1.50
C HIS C 157 1.97 14.66 -0.45
N ILE C 158 1.07 13.69 -0.56
CA ILE C 158 1.13 12.44 0.19
C ILE C 158 1.05 11.33 -0.83
N ASN C 159 2.16 10.60 -0.98
CA ASN C 159 2.25 9.49 -1.91
C ASN C 159 1.87 8.23 -1.16
N LEU C 160 0.58 7.90 -1.18
CA LEU C 160 0.07 6.70 -0.53
C LEU C 160 0.63 5.42 -1.19
N PRO C 161 0.58 5.32 -2.54
CA PRO C 161 1.20 4.14 -3.13
C PRO C 161 2.66 3.96 -2.74
N GLY C 162 3.39 5.08 -2.65
CA GLY C 162 4.82 5.07 -2.31
C GLY C 162 5.13 4.50 -0.95
N PHE C 163 4.18 4.61 -0.02
CA PHE C 163 4.36 4.01 1.30
C PHE C 163 4.50 2.48 1.20
N SER C 164 3.70 1.89 0.32
CA SER C 164 3.58 0.44 0.26
C SER C 164 4.56 -0.23 -0.69
N GLY C 165 5.25 0.55 -1.51
CA GLY C 165 6.25 -0.02 -2.43
C GLY C 165 6.19 0.48 -3.84
N GLN C 166 5.05 1.04 -4.23
CA GLN C 166 4.90 1.61 -5.55
C GLN C 166 5.50 3.01 -5.54
N ASN C 167 6.79 3.06 -5.85
CA ASN C 167 7.58 4.31 -5.94
C ASN C 167 8.42 4.21 -7.18
N PRO C 168 8.37 5.22 -8.08
CA PRO C 168 9.06 5.09 -9.39
C PRO C 168 10.60 5.00 -9.31
N LEU C 169 11.15 5.29 -8.13
CA LEU C 169 12.58 5.23 -7.90
C LEU C 169 13.04 3.84 -7.40
N ARG C 170 12.09 2.95 -7.13
CA ARG C 170 12.41 1.62 -6.66
C ARG C 170 13.32 0.90 -7.65
N GLY C 171 14.31 0.19 -7.14
CA GLY C 171 15.24 -0.56 -7.98
C GLY C 171 16.61 0.11 -8.05
N PRO C 172 17.46 -0.34 -9.00
CA PRO C 172 18.78 0.26 -9.14
C PRO C 172 18.76 1.78 -9.38
N ASN C 173 19.74 2.48 -8.84
CA ASN C 173 19.81 3.93 -8.92
C ASN C 173 21.09 4.42 -9.60
N ASP C 174 20.92 5.37 -10.53
CA ASP C 174 22.04 5.93 -11.27
C ASP C 174 22.24 7.36 -10.81
N GLU C 175 23.47 7.66 -10.43
CA GLU C 175 23.77 8.92 -9.79
C GLU C 175 23.93 10.06 -10.80
N ARG C 176 24.00 9.71 -12.08
CA ARG C 176 23.88 10.68 -13.17
C ARG C 176 22.51 11.33 -13.17
N PHE C 177 21.51 10.63 -12.63
CA PHE C 177 20.20 11.20 -12.43
C PHE C 177 20.13 11.88 -11.07
N GLY C 178 20.32 11.13 -10.00
CA GLY C 178 20.18 11.70 -8.66
C GLY C 178 20.62 10.78 -7.54
N ASP C 179 20.29 11.18 -6.32
CA ASP C 179 20.65 10.40 -5.12
C ASP C 179 19.84 9.11 -4.96
N ARG C 180 20.34 8.23 -4.10
CA ARG C 180 19.64 7.02 -3.69
C ARG C 180 18.42 7.39 -2.83
N PHE C 181 18.63 8.28 -1.88
CA PHE C 181 17.57 8.67 -0.95
C PHE C 181 17.28 10.16 -1.07
N PRO C 182 16.61 10.58 -2.17
CA PRO C 182 16.39 12.01 -2.39
C PRO C 182 15.35 12.59 -1.42
N ALA C 183 15.52 13.85 -1.03
CA ALA C 183 14.52 14.56 -0.22
C ALA C 183 13.32 15.02 -1.07
N MET C 184 12.12 15.06 -0.48
CA MET C 184 10.93 15.59 -1.17
C MET C 184 10.18 16.66 -0.36
N SER C 185 10.75 17.06 0.77
CA SER C 185 10.20 18.15 1.60
C SER C 185 10.01 19.51 0.90
N ASP C 186 10.84 19.76 -0.12
CA ASP C 186 10.79 21.02 -0.86
C ASP C 186 10.52 20.69 -2.32
N ALA C 187 9.68 19.69 -2.55
CA ALA C 187 9.39 19.25 -3.90
C ALA C 187 8.78 20.39 -4.71
N TYR C 188 7.93 21.19 -4.09
CA TYR C 188 7.19 22.25 -4.78
C TYR C 188 7.82 23.61 -4.53
N ASP C 189 8.47 24.13 -5.56
CA ASP C 189 9.36 25.26 -5.51
C ASP C 189 8.82 26.53 -4.80
N ARG C 190 9.54 26.96 -3.78
CA ARG C 190 9.20 28.16 -2.99
C ARG C 190 8.93 29.39 -3.88
N THR C 191 9.83 29.66 -4.81
CA THR C 191 9.78 30.88 -5.62
C THR C 191 8.54 30.95 -6.51
N MET C 192 8.22 29.84 -7.17
CA MET C 192 7.11 29.78 -8.11
C MET C 192 5.76 29.82 -7.43
N ARG C 193 5.68 29.32 -6.21
CA ARG C 193 4.46 29.43 -5.43
C ARG C 193 4.22 30.90 -5.05
N GLN C 194 5.28 31.63 -4.70
CA GLN C 194 5.15 33.05 -4.40
C GLN C 194 4.75 33.84 -5.63
N ARG C 195 5.26 33.43 -6.78
CA ARG C 195 4.93 34.08 -8.06
C ARG C 195 3.58 33.69 -8.62
N ALA C 196 3.17 32.44 -8.40
CA ALA C 196 1.80 32.05 -8.73
C ALA C 196 0.85 32.98 -7.99
N LEU C 197 1.02 33.05 -6.67
CA LEU C 197 0.16 33.89 -5.84
C LEU C 197 0.19 35.33 -6.31
N SER C 198 1.38 35.81 -6.66
CA SER C 198 1.59 37.21 -7.03
C SER C 198 0.88 37.58 -8.33
N THR C 199 1.00 36.69 -9.32
CA THR C 199 0.31 36.84 -10.58
C THR C 199 -1.20 36.77 -10.38
N TRP C 200 -1.66 35.81 -9.59
CA TRP C 200 -3.09 35.66 -9.32
C TRP C 200 -3.72 36.94 -8.79
N LYS C 201 -3.04 37.62 -7.88
CA LYS C 201 -3.52 38.91 -7.38
C LYS C 201 -3.57 39.92 -8.52
N GLN C 202 -2.56 39.88 -9.38
CA GLN C 202 -2.50 40.75 -10.55
C GLN C 202 -3.62 40.46 -11.56
N MET C 203 -4.06 39.21 -11.63
CA MET C 203 -5.13 38.80 -12.54
C MET C 203 -6.51 39.31 -12.13
N GLY C 204 -6.66 39.65 -10.85
CA GLY C 204 -7.91 40.19 -10.32
C GLY C 204 -9.04 39.17 -10.23
N GLU C 205 -8.69 37.90 -10.05
CA GLU C 205 -9.68 36.84 -9.94
C GLU C 205 -10.47 36.97 -8.65
N GLN C 206 -11.80 36.76 -8.74
CA GLN C 206 -12.71 36.92 -7.60
C GLN C 206 -12.46 35.82 -6.58
N ARG C 207 -12.29 34.62 -7.10
CA ARG C 207 -12.03 33.46 -6.29
C ARG C 207 -10.54 33.43 -5.96
N GLU C 208 -10.21 33.15 -4.70
CA GLU C 208 -8.81 33.10 -4.28
C GLU C 208 -8.12 31.83 -4.78
N LEU C 209 -6.81 31.92 -4.98
CA LEU C 209 -6.03 30.77 -5.38
C LEU C 209 -5.81 29.85 -4.18
N GLN C 210 -6.45 28.69 -4.21
CA GLN C 210 -6.35 27.77 -3.10
C GLN C 210 -4.93 27.17 -3.08
N GLU C 211 -4.56 26.62 -1.95
CA GLU C 211 -3.22 26.06 -1.76
C GLU C 211 -3.26 24.98 -0.71
N GLY C 212 -2.65 23.82 -0.99
CA GLY C 212 -2.72 22.69 -0.06
C GLY C 212 -2.05 21.42 -0.53
N THR C 213 -2.43 20.30 0.10
CA THR C 213 -1.78 19.02 -0.12
C THR C 213 -2.62 18.11 -1.01
N TYR C 214 -1.95 17.54 -2.01
CA TYR C 214 -2.53 16.60 -2.98
C TYR C 214 -2.17 15.19 -2.54
N VAL C 215 -3.15 14.36 -2.23
CA VAL C 215 -2.88 12.96 -1.94
C VAL C 215 -3.06 12.13 -3.22
N MET C 216 -2.06 11.32 -3.57
CA MET C 216 -2.23 10.39 -4.68
C MET C 216 -2.78 9.06 -4.20
N VAL C 217 -3.89 8.66 -4.79
CA VAL C 217 -4.54 7.36 -4.56
C VAL C 217 -4.36 6.61 -5.88
N ALA C 218 -4.42 5.29 -5.87
CA ALA C 218 -4.11 4.54 -7.10
C ALA C 218 -5.25 4.52 -8.12
N GLY C 219 -6.49 4.37 -7.64
CA GLY C 219 -7.64 4.25 -8.53
C GLY C 219 -7.76 2.88 -9.15
N PRO C 220 -8.62 2.73 -10.17
CA PRO C 220 -9.44 3.76 -10.81
C PRO C 220 -10.77 4.05 -10.11
N SER C 221 -11.26 3.10 -9.31
CA SER C 221 -12.50 3.33 -8.57
C SER C 221 -12.39 4.50 -7.60
N PHE C 222 -13.48 5.24 -7.45
CA PHE C 222 -13.51 6.44 -6.60
C PHE C 222 -13.69 6.06 -5.12
N GLN C 223 -13.56 7.06 -4.25
CA GLN C 223 -13.50 6.84 -2.82
C GLN C 223 -14.85 6.59 -2.24
N THR C 224 -14.90 5.73 -1.22
CA THR C 224 -16.08 5.62 -0.39
C THR C 224 -16.09 6.78 0.60
N VAL C 225 -17.21 7.00 1.26
CA VAL C 225 -17.31 8.06 2.25
C VAL C 225 -16.26 7.79 3.35
N ALA C 226 -16.21 6.54 3.83
CA ALA C 226 -15.23 6.14 4.84
C ALA C 226 -13.80 6.50 4.43
N GLU C 227 -13.46 6.24 3.17
CA GLU C 227 -12.10 6.48 2.64
C GLU C 227 -11.84 7.96 2.45
N CYS C 228 -12.84 8.69 1.99
CA CYS C 228 -12.71 10.13 1.89
C CYS C 228 -12.40 10.68 3.27
N ARG C 229 -13.11 10.17 4.27
CA ARG C 229 -12.91 10.62 5.65
C ARG C 229 -11.48 10.35 6.18
N VAL C 230 -10.84 9.25 5.78
CA VAL C 230 -9.46 9.00 6.23
C VAL C 230 -8.49 9.95 5.52
N LEU C 231 -8.71 10.16 4.23
CA LEU C 231 -7.91 11.08 3.44
C LEU C 231 -7.97 12.47 4.07
N GLN C 232 -9.17 12.91 4.44
CA GLN C 232 -9.35 14.18 5.14
C GLN C 232 -8.50 14.17 6.42
N LYS C 233 -8.69 13.15 7.24
CA LYS C 233 -7.97 13.02 8.52
C LYS C 233 -6.45 12.98 8.34
N LEU C 234 -6.00 12.40 7.23
CA LEU C 234 -4.58 12.39 6.84
C LEU C 234 -4.02 13.78 6.51
N GLY C 235 -4.89 14.76 6.31
CA GLY C 235 -4.47 16.14 6.03
C GLY C 235 -4.44 16.52 4.57
N ALA C 236 -5.04 15.72 3.70
CA ALA C 236 -5.07 16.00 2.26
C ALA C 236 -6.22 16.95 1.90
N ASP C 237 -5.93 17.94 1.06
CA ASP C 237 -6.91 18.92 0.60
C ASP C 237 -7.54 18.54 -0.75
N ALA C 238 -6.84 17.68 -1.50
CA ALA C 238 -7.31 17.25 -2.82
C ALA C 238 -6.78 15.86 -3.14
N VAL C 239 -7.59 15.08 -3.85
CA VAL C 239 -7.24 13.69 -4.15
C VAL C 239 -7.30 13.46 -5.65
N GLY C 240 -6.33 12.71 -6.16
CA GLY C 240 -6.28 12.35 -7.57
C GLY C 240 -5.43 11.11 -7.77
N MET C 241 -5.27 10.69 -9.02
CA MET C 241 -4.62 9.41 -9.32
C MET C 241 -3.35 9.51 -10.16
N SER C 242 -2.65 10.64 -10.09
CA SER C 242 -1.50 10.91 -10.96
C SER C 242 -0.45 11.77 -10.27
N THR C 243 0.43 12.38 -11.09
CA THR C 243 1.26 13.54 -10.73
C THR C 243 2.43 13.24 -9.80
N VAL C 244 2.14 12.65 -8.64
CA VAL C 244 3.17 12.43 -7.61
C VAL C 244 4.38 11.64 -8.17
N PRO C 245 4.14 10.54 -8.87
CA PRO C 245 5.27 9.82 -9.49
C PRO C 245 6.19 10.71 -10.37
N GLU C 246 5.59 11.55 -11.20
CA GLU C 246 6.34 12.53 -12.01
C GLU C 246 7.14 13.52 -11.16
N VAL C 247 6.49 14.11 -10.15
CA VAL C 247 7.15 15.09 -9.29
C VAL C 247 8.37 14.47 -8.60
N ILE C 248 8.19 13.28 -8.04
CA ILE C 248 9.30 12.56 -7.38
C ILE C 248 10.53 12.38 -8.28
N VAL C 249 10.35 11.90 -9.52
CA VAL C 249 11.53 11.63 -10.37
C VAL C 249 12.13 12.96 -10.88
N ALA C 250 11.27 13.92 -11.17
CA ALA C 250 11.74 15.26 -11.53
C ALA C 250 12.64 15.86 -10.44
N ARG C 251 12.24 15.72 -9.19
CA ARG C 251 13.06 16.22 -8.08
C ARG C 251 14.33 15.39 -7.90
N HIS C 252 14.23 14.07 -8.07
CA HIS C 252 15.43 13.22 -8.14
C HIS C 252 16.44 13.75 -9.18
N CYS C 253 15.93 14.30 -10.28
CA CYS C 253 16.74 14.92 -11.34
C CYS C 253 17.24 16.33 -11.07
N GLY C 254 16.65 17.00 -10.08
CA GLY C 254 16.94 18.41 -9.83
C GLY C 254 16.16 19.39 -10.69
N LEU C 255 15.11 18.92 -11.35
CA LEU C 255 14.14 19.82 -12.00
C LEU C 255 13.37 20.65 -10.96
N ARG C 256 13.13 21.90 -11.29
CA ARG C 256 12.22 22.76 -10.54
C ARG C 256 10.78 22.34 -10.85
N VAL C 257 9.96 22.20 -9.81
CA VAL C 257 8.60 21.74 -9.98
C VAL C 257 7.60 22.70 -9.36
N PHE C 258 6.55 23.03 -10.14
CA PHE C 258 5.34 23.61 -9.55
C PHE C 258 4.12 23.06 -10.29
N GLY C 259 2.97 23.11 -9.63
CA GLY C 259 1.79 22.46 -10.21
C GLY C 259 0.47 22.85 -9.59
N PHE C 260 -0.60 22.46 -10.29
CA PHE C 260 -1.94 22.88 -9.95
C PHE C 260 -2.90 21.72 -10.05
N SER C 261 -3.88 21.70 -9.15
CA SER C 261 -5.04 20.82 -9.26
C SER C 261 -6.25 21.67 -9.57
N LEU C 262 -7.03 21.26 -10.57
CA LEU C 262 -8.36 21.82 -10.81
C LEU C 262 -9.36 20.97 -10.03
N ILE C 263 -10.10 21.59 -9.12
CA ILE C 263 -11.13 20.91 -8.34
C ILE C 263 -12.36 20.68 -9.20
N THR C 264 -12.51 19.47 -9.70
CA THR C 264 -13.61 19.13 -10.59
C THR C 264 -14.89 18.75 -9.84
N ASP C 265 -14.76 18.28 -8.60
CA ASP C 265 -15.94 18.00 -7.77
C ASP C 265 -15.59 17.94 -6.29
N LYS C 266 -16.55 18.32 -5.45
CA LYS C 266 -16.44 18.23 -4.01
C LYS C 266 -16.75 16.79 -3.62
N VAL C 267 -15.79 16.10 -3.00
CA VAL C 267 -15.97 14.69 -2.69
C VAL C 267 -16.88 14.53 -1.48
N ILE C 268 -17.87 13.65 -1.62
CA ILE C 268 -18.92 13.47 -0.62
C ILE C 268 -18.32 12.83 0.63
N MET C 269 -18.45 13.54 1.75
CA MET C 269 -17.79 13.20 3.00
C MET C 269 -18.77 12.83 4.11
N ASP C 270 -20.02 12.52 3.74
CA ASP C 270 -21.01 11.99 4.67
C ASP C 270 -22.20 11.39 3.90
N TYR C 271 -23.14 10.81 4.63
CA TYR C 271 -24.27 10.10 4.02
C TYR C 271 -25.54 10.94 3.84
N GLU C 272 -25.69 11.99 4.65
CA GLU C 272 -26.80 12.92 4.48
C GLU C 272 -26.78 13.54 3.08
N SER C 273 -25.65 14.13 2.71
CA SER C 273 -25.46 14.76 1.38
C SER C 273 -25.05 13.76 0.28
N LEU C 274 -25.18 12.46 0.56
CA LEU C 274 -25.11 11.43 -0.47
C LEU C 274 -26.52 11.22 -1.04
N GLU C 275 -27.53 11.16 -0.16
CA GLU C 275 -28.93 11.17 -0.58
C GLU C 275 -29.22 12.33 -1.51
N LYS C 276 -28.87 13.54 -1.07
CA LYS C 276 -29.07 14.74 -1.86
C LYS C 276 -28.28 14.64 -3.17
N ALA C 277 -29.00 14.36 -4.26
CA ALA C 277 -28.44 14.44 -5.60
C ALA C 277 -29.08 15.64 -6.30
N ASN C 278 -28.56 15.99 -7.47
CA ASN C 278 -28.72 17.34 -7.99
C ASN C 278 -29.06 17.46 -9.48
N HIS C 279 -29.20 18.72 -9.93
CA HIS C 279 -29.16 19.10 -11.35
C HIS C 279 -27.78 18.70 -11.89
N GLU C 280 -27.66 17.42 -12.22
CA GLU C 280 -26.36 16.85 -12.52
C GLU C 280 -25.78 17.33 -13.84
N GLU C 281 -24.51 17.72 -13.79
CA GLU C 281 -23.79 18.22 -14.96
C GLU C 281 -22.44 18.84 -14.55
N VAL C 282 -21.57 18.01 -13.98
CA VAL C 282 -20.21 18.42 -13.57
C VAL C 282 -19.39 19.04 -14.73
N LEU C 283 -19.69 18.59 -15.94
CA LEU C 283 -18.90 18.82 -17.17
C LEU C 283 -18.52 20.25 -17.57
N ALA C 284 -19.50 21.00 -18.07
CA ALA C 284 -19.26 22.08 -19.04
C ALA C 284 -18.96 23.48 -18.47
N ALA C 285 -19.06 23.64 -17.15
CA ALA C 285 -18.51 24.82 -16.48
C ALA C 285 -17.03 24.56 -16.30
N GLY C 286 -16.67 23.27 -16.33
CA GLY C 286 -15.31 22.81 -16.37
C GLY C 286 -14.54 23.26 -17.59
N LYS C 287 -15.22 23.75 -18.64
CA LYS C 287 -14.52 24.42 -19.74
C LYS C 287 -14.00 25.78 -19.30
N GLN C 288 -14.89 26.68 -18.87
CA GLN C 288 -14.46 27.97 -18.35
C GLN C 288 -13.41 27.78 -17.25
N ALA C 289 -13.60 26.77 -16.41
CA ALA C 289 -12.70 26.46 -15.29
C ALA C 289 -11.34 25.87 -15.73
N ALA C 290 -11.36 24.97 -16.72
CA ALA C 290 -10.14 24.43 -17.28
C ALA C 290 -9.38 25.47 -18.11
N GLN C 291 -10.11 26.27 -18.90
CA GLN C 291 -9.53 27.42 -19.61
C GLN C 291 -8.76 28.34 -18.66
N LYS C 292 -9.40 28.74 -17.57
CA LYS C 292 -8.78 29.57 -16.54
C LYS C 292 -7.42 29.02 -16.10
N LEU C 293 -7.34 27.72 -15.87
CA LEU C 293 -6.08 27.11 -15.41
C LEU C 293 -5.06 27.06 -16.57
N GLU C 294 -5.55 26.84 -17.78
CA GLU C 294 -4.69 26.85 -18.95
C GLU C 294 -4.09 28.23 -19.20
N GLN C 295 -4.94 29.24 -19.18
CA GLN C 295 -4.45 30.59 -19.38
C GLN C 295 -3.53 31.01 -18.23
N PHE C 296 -3.69 30.44 -17.05
CA PHE C 296 -2.84 30.78 -15.90
C PHE C 296 -1.44 30.17 -16.02
N VAL C 297 -1.37 28.93 -16.50
CA VAL C 297 -0.08 28.33 -16.82
C VAL C 297 0.65 29.14 -17.89
N SER C 298 -0.10 29.68 -18.86
CA SER C 298 0.45 30.55 -19.90
C SER C 298 1.09 31.77 -19.31
N ILE C 299 0.33 32.48 -18.48
CA ILE C 299 0.81 33.70 -17.88
C ILE C 299 2.08 33.40 -17.12
N LEU C 300 2.09 32.28 -16.40
CA LEU C 300 3.21 31.95 -15.53
C LEU C 300 4.49 31.59 -16.25
N MET C 301 4.44 31.37 -17.56
CA MET C 301 5.67 31.13 -18.33
C MET C 301 6.65 32.31 -18.23
N ALA C 302 6.10 33.51 -18.08
CA ALA C 302 6.90 34.71 -17.92
C ALA C 302 7.57 34.79 -16.54
N SER C 303 7.10 34.02 -15.56
CA SER C 303 7.65 34.12 -14.20
C SER C 303 8.66 33.02 -13.85
N ILE C 304 8.79 32.02 -14.71
CA ILE C 304 9.77 30.97 -14.48
C ILE C 304 11.15 31.58 -14.69
N PRO C 305 12.09 31.34 -13.77
CA PRO C 305 13.45 31.84 -13.99
C PRO C 305 14.09 31.27 -15.26
N LEU C 306 15.10 31.97 -15.75
CA LEU C 306 15.87 31.53 -16.90
C LEU C 306 17.01 30.67 -16.42
N PRO C 307 17.61 29.87 -17.33
CA PRO C 307 18.83 29.14 -17.02
C PRO C 307 20.06 29.95 -17.41
O5' 2FD D . 17.76 2.86 4.30
C5' 2FD D . 17.52 4.25 4.57
C4' 2FD D . 18.34 4.71 5.76
O4' 2FD D . 18.12 6.10 6.01
C1' 2FD D . 17.92 6.35 7.41
N9 2FD D . 16.88 7.40 7.60
C4 2FD D . 15.60 7.38 7.17
N3 2FD D . 14.84 6.48 6.50
C2 2FD D . 13.55 6.76 6.20
F 2FD D . 12.83 5.84 5.53
N1 2FD D . 12.99 7.94 6.56
C6 2FD D . 13.73 8.86 7.22
N6 2FD D . 13.22 10.06 7.61
C5 2FD D . 15.04 8.59 7.54
N7 2FD D . 15.98 9.31 8.18
C8 2FD D . 17.10 8.56 8.21
C2' 2FD D . 17.54 5.03 8.04
C3' 2FD D . 17.96 3.98 7.04
O3' 2FD D . 19.07 3.22 7.54
S SO4 E . 18.84 -0.07 7.62
O1 SO4 E . 19.69 -1.22 7.77
O2 SO4 E . 18.89 0.80 8.81
O3 SO4 E . 19.34 0.61 6.43
O4 SO4 E . 17.47 -0.48 7.42
S SO4 F . 7.99 -7.77 -5.91
O1 SO4 F . 7.63 -7.82 -7.32
O2 SO4 F . 7.72 -9.11 -5.34
O3 SO4 F . 9.40 -7.45 -5.78
O4 SO4 F . 7.20 -6.75 -5.23
S SO4 G . -0.20 -9.72 -7.77
O1 SO4 G . -0.87 -10.74 -6.97
O2 SO4 G . 0.89 -9.18 -7.00
O3 SO4 G . 0.27 -10.35 -9.00
O4 SO4 G . -1.14 -8.64 -8.10
S SO4 H . 27.99 -0.69 7.26
O1 SO4 H . 28.06 -2.13 6.98
O2 SO4 H . 28.09 -0.43 8.69
O3 SO4 H . 29.13 -0.07 6.59
O4 SO4 H . 26.74 -0.12 6.73
S SO4 I . 19.16 -14.43 -7.06
O1 SO4 I . 18.47 -15.66 -6.67
O2 SO4 I . 20.42 -14.35 -6.33
O3 SO4 I . 19.43 -14.45 -8.50
O4 SO4 I . 18.34 -13.29 -6.68
S SO4 J . 7.26 -17.24 21.96
O1 SO4 J . 7.42 -18.47 22.73
O2 SO4 J . 6.18 -16.41 22.53
O3 SO4 J . 8.50 -16.45 22.02
O4 SO4 J . 6.93 -17.63 20.59
S SO4 K . 4.70 -3.45 28.35
O1 SO4 K . 4.94 -4.87 28.09
O2 SO4 K . 5.44 -3.07 29.57
O3 SO4 K . 5.16 -2.62 27.24
O4 SO4 K . 3.27 -3.22 28.50
S SO4 L . 6.49 10.47 24.77
O1 SO4 L . 7.47 9.41 24.96
O2 SO4 L . 6.47 11.32 25.97
O3 SO4 L . 6.88 11.29 23.61
O4 SO4 L . 5.17 9.87 24.54
S SO4 M . 29.86 10.87 16.05
O1 SO4 M . 30.67 11.64 16.98
O2 SO4 M . 28.74 10.27 16.78
O3 SO4 M . 29.36 11.74 14.98
O4 SO4 M . 30.71 9.84 15.46
S SO4 N . 9.38 -28.71 -0.64
O1 SO4 N . 8.62 -29.36 -1.70
O2 SO4 N . 9.41 -29.58 0.55
O3 SO4 N . 10.75 -28.51 -1.09
O4 SO4 N . 8.74 -27.44 -0.31
O5' 2FD O . -8.45 -13.65 7.68
C5' 2FD O . -8.61 -14.93 8.34
C4' 2FD O . -9.91 -15.00 9.13
O4' 2FD O . -9.70 -14.57 10.49
C1' 2FD O . -10.57 -13.46 10.80
N9 2FD O . -9.96 -12.50 11.76
C4 2FD O . -9.11 -11.49 11.52
N3 2FD O . -8.54 -10.98 10.40
C2 2FD O . -7.71 -9.93 10.48
F 2FD O . -7.15 -9.47 9.35
N1 2FD O . -7.41 -9.35 11.67
C6 2FD O . -7.96 -9.82 12.82
N6 2FD O . -7.69 -9.26 14.01
C5 2FD O . -8.82 -10.91 12.75
N7 2FD O . -9.50 -11.57 13.69
C8 2FD O . -10.20 -12.55 13.09
C2' 2FD O . -10.90 -12.85 9.43
C3' 2FD O . -10.99 -14.09 8.57
O3' 2FD O . -12.29 -14.68 8.69
S SO4 P . -13.27 -14.77 5.23
O1 SO4 P . -12.42 -15.42 6.22
O2 SO4 P . -14.60 -14.71 5.79
O3 SO4 P . -12.76 -13.45 4.95
O4 SO4 P . -13.30 -15.62 4.02
S SO4 Q . -27.63 1.05 -8.29
O1 SO4 Q . -27.60 0.22 -7.10
O2 SO4 Q . -28.95 1.71 -8.37
O3 SO4 Q . -26.61 2.10 -8.20
O4 SO4 Q . -27.39 0.20 -9.46
S SO4 R . -16.54 -23.39 5.68
O1 SO4 R . -15.96 -24.52 6.38
O2 SO4 R . -17.78 -23.02 6.37
O3 SO4 R . -15.62 -22.25 5.74
O4 SO4 R . -16.76 -23.78 4.28
S SO4 S . -11.99 -9.34 -25.74
O1 SO4 S . -12.78 -10.57 -25.80
O2 SO4 S . -11.83 -8.89 -24.35
O3 SO4 S . -10.64 -9.59 -26.27
O4 SO4 S . -12.67 -8.32 -26.52
S SO4 T . -27.27 5.84 6.34
O1 SO4 T . -27.33 4.82 7.39
O2 SO4 T . -27.51 7.15 6.93
O3 SO4 T . -25.95 5.83 5.71
O4 SO4 T . -28.31 5.55 5.34
S SO4 U . -32.38 -18.27 -20.50
O1 SO4 U . -31.31 -19.04 -21.17
O2 SO4 U . -33.09 -19.12 -19.55
O3 SO4 U . -31.78 -17.15 -19.78
O4 SO4 U . -33.33 -17.79 -21.48
S SO4 V . -22.49 -31.57 1.31
O1 SO4 V . -21.44 -32.59 1.52
O2 SO4 V . -23.74 -32.00 1.94
O3 SO4 V . -22.05 -30.34 1.94
O4 SO4 V . -22.70 -31.38 -0.13
S SO4 W . -39.24 -4.07 -4.05
O1 SO4 W . -39.16 -5.31 -3.28
O2 SO4 W . -40.40 -3.31 -3.63
O3 SO4 W . -38.04 -3.27 -3.84
O4 SO4 W . -39.36 -4.39 -5.48
S SO4 X . -20.32 -21.72 19.60
O1 SO4 X . -18.94 -21.54 20.04
O2 SO4 X . -21.18 -21.90 20.76
O3 SO4 X . -20.78 -20.54 18.88
O4 SO4 X . -20.39 -22.90 18.76
S SO4 Y . -20.41 3.59 18.22
O1 SO4 Y . -19.26 2.80 18.67
O2 SO4 Y . -20.15 5.00 18.50
O3 SO4 Y . -20.60 3.40 16.79
O4 SO4 Y . -21.60 3.16 18.94
O5' 2FD Z . -10.64 12.66 -15.23
C5' 2FD Z . -10.77 11.88 -14.05
C4' 2FD Z . -9.63 12.23 -13.10
O4' 2FD Z . -10.06 13.21 -12.15
C1' 2FD Z . -9.56 12.91 -10.83
N9 2FD Z . -10.65 13.00 -9.80
C4 2FD Z . -10.75 12.26 -8.69
N3 2FD Z . -9.99 11.27 -8.18
C2 2FD Z . -10.30 10.66 -7.04
F 2FD Z . -9.48 9.70 -6.63
N1 2FD Z . -11.42 11.01 -6.34
C6 2FD Z . -12.21 12.00 -6.81
N6 2FD Z . -13.33 12.36 -6.12
C5 2FD Z . -11.90 12.64 -8.00
N7 2FD Z . -12.47 13.63 -8.72
C8 2FD Z . -11.69 13.84 -9.81
C2' 2FD Z . -8.86 11.55 -10.93
C3' 2FD Z . -9.13 11.02 -12.33
O3' 2FD Z . -7.94 10.45 -12.91
S SO4 AA . -5.22 13.60 -14.14
O1 SO4 AA . -4.89 12.82 -15.34
O2 SO4 AA . -4.09 13.59 -13.25
O3 SO4 AA . -5.57 14.95 -14.49
O4 SO4 AA . -6.34 13.05 -13.41
S SO4 BA . 3.64 -2.96 -11.21
O1 SO4 BA . 4.36 -3.94 -12.03
O2 SO4 BA . 2.78 -3.65 -10.26
O3 SO4 BA . 4.58 -2.13 -10.47
O4 SO4 BA . 2.84 -2.12 -12.09
S SO4 CA . -7.55 16.79 -22.97
O1 SO4 CA . -6.41 16.39 -23.81
O2 SO4 CA . -7.65 15.90 -21.82
O3 SO4 CA . -7.39 18.16 -22.52
O4 SO4 CA . -8.79 16.69 -23.75
S SO4 DA . 14.45 35.27 -12.04
O1 SO4 DA . 15.39 34.74 -13.03
O2 SO4 DA . 14.41 34.38 -10.89
O3 SO4 DA . 14.82 36.60 -11.56
O4 SO4 DA . 13.14 35.36 -12.69
S SO4 EA . 16.69 22.95 -6.35
O1 SO4 EA . 17.02 21.54 -6.58
O2 SO4 EA . 16.28 23.17 -4.96
O3 SO4 EA . 17.90 23.73 -6.62
O4 SO4 EA . 15.63 23.37 -7.26
S SO4 FA . -8.34 25.69 5.78
O1 SO4 FA . -7.14 24.88 6.04
O2 SO4 FA . -8.43 26.77 6.76
O3 SO4 FA . -8.25 26.26 4.43
O4 SO4 FA . -9.54 24.86 5.88
S SO4 GA . 5.39 -0.20 -24.61
O1 SO4 GA . 5.50 -1.59 -25.08
O2 SO4 GA . 5.81 -0.11 -23.22
O3 SO4 GA . 6.25 0.65 -25.43
O4 SO4 GA . 4.01 0.25 -24.72
S SO4 HA . 6.14 28.78 2.98
O1 SO4 HA . 7.13 27.79 2.57
O2 SO4 HA . 5.89 28.70 4.42
O3 SO4 HA . 6.64 30.10 2.64
O4 SO4 HA . 4.86 28.54 2.29
S SO4 IA . -21.91 8.90 10.39
O1 SO4 IA . -21.79 7.48 10.07
O2 SO4 IA . -20.61 9.42 10.82
O3 SO4 IA . -22.37 9.64 9.22
O4 SO4 IA . -22.89 9.06 11.47
S SO4 JA . 2.02 40.90 -4.05
O1 SO4 JA . 1.45 39.72 -4.68
O2 SO4 JA . 3.46 40.93 -4.28
O3 SO4 JA . 1.40 42.10 -4.62
O4 SO4 JA . 1.75 40.84 -2.61
O5' 2FD KA . 13.92 35.64 -26.98
C5' 2FD KA . 13.10 35.18 -28.06
C4' 2FD KA . 12.08 34.13 -27.59
O4' 2FD KA . 11.05 33.90 -28.56
C1' 2FD KA . 10.81 32.50 -28.78
N9 2FD KA . 10.90 32.07 -30.23
C4 2FD KA . 12.00 31.67 -30.91
N3 2FD KA . 13.30 31.54 -30.56
C2 2FD KA . 14.22 31.11 -31.46
F 2FD KA . 15.50 31.00 -31.06
N1 2FD KA . 13.87 30.80 -32.74
C6 2FD KA . 12.58 30.91 -33.13
N6 2FD KA . 12.26 30.59 -34.41
C5 2FD KA . 11.61 31.35 -32.22
N7 2FD KA . 10.29 31.56 -32.30
C8 2FD KA . 9.86 32.00 -31.09
C2' 2FD KA . 11.80 31.77 -27.88
C3' 2FD KA . 12.77 32.79 -27.34
O3' 2FD KA . 13.03 32.56 -25.95
#